data_8Z5L
#
_entry.id   8Z5L
#
_cell.length_a   48.607
_cell.length_b   77.619
_cell.length_c   259.813
_cell.angle_alpha   90.00
_cell.angle_beta   90.00
_cell.angle_gamma   90.00
#
_symmetry.space_group_name_H-M   'P 21 21 21'
#
loop_
_entity.id
_entity.type
_entity.pdbx_description
1 polymer 'Metallo-beta-lactamase type 2'
2 non-polymer 'ZINC ION'
3 non-polymer '3-[2-azanyl-5-[2-cyclohexylethyl-[3-(4-methylphenoxy)propyl]amino]phenyl]propanoic acid'
4 water water
#
_entity_poly.entity_id   1
_entity_poly.type   'polypeptide(L)'
_entity_poly.pdbx_seq_one_letter_code
;GPGVGESLPDLKIEKLDEGVYVHTSFEEVNGWGVVPKHGLVVLVNAEAYLIDTPFTAKDTEKLVTWFVERGYKIKGSISS
HFHSDSTGGIEWLNSRSIPTYASELTNELLKKDGKVQATNSFSGVNYWLVKNKIEVFYPGPGHTPDNVVVWLPERKILFG
GCFIKPYGLGNLGDANIEAWPKSAKLLKSKYGKAKLVVPSHSEVGDASLLKLTLEQAVKGLNESKKPSKPSNKL
;
_entity_poly.pdbx_strand_id   A,B,C,D
#
# COMPACT_ATOMS: atom_id res chain seq x y z
N GLY A 1 -11.23 15.32 -16.53
CA GLY A 1 -11.26 13.99 -17.11
C GLY A 1 -12.63 13.50 -17.57
N PRO A 2 -12.75 12.19 -17.85
CA PRO A 2 -14.03 11.61 -18.26
C PRO A 2 -14.87 11.07 -17.10
N GLY A 3 -15.72 11.92 -16.52
CA GLY A 3 -16.51 11.55 -15.35
C GLY A 3 -17.76 12.39 -15.24
N VAL A 4 -18.12 12.77 -14.01
CA VAL A 4 -19.33 13.55 -13.72
C VAL A 4 -19.28 14.11 -12.30
N GLY A 5 -18.46 15.13 -12.09
CA GLY A 5 -18.36 15.74 -10.77
C GLY A 5 -17.04 16.48 -10.59
N GLU A 6 -16.70 16.71 -9.32
CA GLU A 6 -15.51 17.47 -8.95
C GLU A 6 -14.25 16.63 -9.20
N SER A 7 -13.11 17.27 -8.87
CA SER A 7 -11.91 16.62 -9.41
C SER A 7 -10.69 16.34 -8.54
N LEU A 8 -10.51 15.05 -8.17
CA LEU A 8 -9.22 14.61 -7.59
C LEU A 8 -8.44 14.35 -8.88
N PRO A 9 -7.18 14.77 -9.01
CA PRO A 9 -6.48 14.80 -10.30
C PRO A 9 -6.26 13.40 -10.88
N ASP A 10 -6.41 13.30 -12.20
CA ASP A 10 -6.39 12.00 -12.87
C ASP A 10 -4.97 11.43 -12.91
N LEU A 11 -4.91 10.11 -13.05
CA LEU A 11 -3.62 9.43 -13.08
C LEU A 11 -2.77 9.95 -14.25
N LYS A 12 -1.48 10.12 -14.00
CA LYS A 12 -0.53 10.62 -14.97
C LYS A 12 0.49 9.53 -15.29
N ILE A 13 0.83 9.40 -16.58
CA ILE A 13 1.77 8.38 -17.08
C ILE A 13 2.73 9.09 -18.01
N GLU A 14 3.91 9.45 -17.52
CA GLU A 14 4.87 10.26 -18.28
C GLU A 14 6.18 9.50 -18.48
N LYS A 15 6.69 9.49 -19.71
CA LYS A 15 7.89 8.71 -20.06
C LYS A 15 9.16 9.38 -19.54
N LEU A 16 9.88 8.70 -18.66
CA LEU A 16 11.09 9.29 -18.05
C LEU A 16 12.35 9.03 -18.89
N ASP A 17 12.72 7.77 -19.05
CA ASP A 17 13.84 7.38 -19.90
C ASP A 17 13.33 6.44 -20.98
N GLU A 18 14.21 5.66 -21.63
CA GLU A 18 13.76 4.85 -22.77
C GLU A 18 12.74 3.81 -22.36
N GLY A 19 13.04 3.03 -21.33
CA GLY A 19 12.08 2.01 -20.91
C GLY A 19 11.51 2.27 -19.55
N VAL A 20 11.38 3.54 -19.16
CA VAL A 20 11.00 3.88 -17.79
C VAL A 20 9.93 4.95 -17.82
N TYR A 21 8.77 4.64 -17.26
CA TYR A 21 7.70 5.61 -17.17
C TYR A 21 7.48 5.93 -15.69
N VAL A 22 7.09 7.18 -15.44
CA VAL A 22 6.67 7.65 -14.12
C VAL A 22 5.16 7.63 -14.10
N HIS A 23 4.58 7.23 -12.97
CA HIS A 23 3.13 7.33 -12.83
C HIS A 23 2.82 8.10 -11.56
N THR A 24 1.88 9.03 -11.68
CA THR A 24 1.48 9.90 -10.60
C THR A 24 0.00 9.75 -10.33
N SER A 25 -0.35 9.50 -9.08
CA SER A 25 -1.72 9.38 -8.63
C SER A 25 -1.85 10.27 -7.41
N PHE A 26 -3.09 10.55 -7.04
CA PHE A 26 -3.34 11.61 -6.08
C PHE A 26 -4.42 11.17 -5.10
N GLU A 27 -4.20 11.46 -3.82
CA GLU A 27 -5.15 11.05 -2.81
C GLU A 27 -5.28 12.14 -1.75
N GLU A 28 -6.51 12.35 -1.29
CA GLU A 28 -6.76 13.14 -0.09
C GLU A 28 -6.16 12.41 1.11
N VAL A 29 -5.37 13.12 1.92
CA VAL A 29 -4.65 12.48 3.02
C VAL A 29 -4.63 13.42 4.22
N ASN A 30 -5.50 13.18 5.21
CA ASN A 30 -5.84 14.22 6.19
C ASN A 30 -4.60 14.77 6.88
N GLY A 31 -4.65 16.09 7.20
CA GLY A 31 -3.48 16.84 7.63
C GLY A 31 -2.57 17.27 6.50
N TRP A 32 -2.76 16.71 5.31
CA TRP A 32 -2.18 17.18 4.06
C TRP A 32 -3.34 17.20 3.07
N GLY A 33 -3.10 17.72 1.88
CA GLY A 33 -4.21 17.78 0.96
C GLY A 33 -4.21 16.60 0.01
N VAL A 34 -4.56 16.87 -1.24
CA VAL A 34 -4.07 16.07 -2.35
C VAL A 34 -2.58 15.85 -2.16
N VAL A 35 -2.18 14.60 -2.00
CA VAL A 35 -0.78 14.20 -2.03
C VAL A 35 -0.53 13.50 -3.35
N PRO A 36 0.53 13.86 -4.08
CA PRO A 36 0.92 13.06 -5.25
C PRO A 36 1.79 11.89 -4.83
N LYS A 37 1.63 10.76 -5.56
CA LYS A 37 2.46 9.59 -5.34
C LYS A 37 3.07 9.16 -6.66
N HIS A 38 4.40 9.14 -6.72
CA HIS A 38 5.13 8.77 -7.92
C HIS A 38 5.53 7.32 -7.84
N GLY A 39 5.34 6.59 -8.93
CA GLY A 39 5.90 5.27 -9.10
C GLY A 39 6.50 5.14 -10.49
N LEU A 40 7.00 3.96 -10.82
CA LEU A 40 7.57 3.72 -12.14
C LEU A 40 6.90 2.52 -12.78
N VAL A 41 6.90 2.52 -14.11
CA VAL A 41 6.60 1.35 -14.91
C VAL A 41 7.83 1.07 -15.77
N VAL A 42 8.55 0.01 -15.43
CA VAL A 42 9.75 -0.36 -16.15
C VAL A 42 9.38 -1.33 -17.26
N LEU A 43 10.00 -1.17 -18.43
CA LEU A 43 9.76 -2.01 -19.57
C LEU A 43 10.95 -2.93 -19.86
N VAL A 44 10.65 -4.19 -20.15
CA VAL A 44 11.54 -5.12 -20.81
C VAL A 44 10.80 -5.65 -22.04
N ASN A 45 11.56 -6.18 -22.99
CA ASN A 45 11.04 -6.67 -24.28
C ASN A 45 9.61 -7.22 -24.23
N ALA A 46 8.62 -6.30 -24.17
CA ALA A 46 7.18 -6.55 -24.25
C ALA A 46 6.54 -6.84 -22.89
N GLU A 47 7.28 -6.66 -21.82
CA GLU A 47 6.80 -6.98 -20.48
C GLU A 47 6.90 -5.75 -19.59
N ALA A 48 5.93 -5.56 -18.72
CA ALA A 48 5.92 -4.38 -17.87
C ALA A 48 5.95 -4.78 -16.40
N TYR A 49 6.72 -4.03 -15.62
CA TYR A 49 6.80 -4.17 -14.17
C TYR A 49 6.33 -2.89 -13.49
N LEU A 50 5.37 -3.03 -12.58
CA LEU A 50 4.96 -1.91 -11.75
C LEU A 50 5.92 -1.78 -10.58
N ILE A 51 6.63 -0.66 -10.52
CA ILE A 51 7.38 -0.29 -9.32
C ILE A 51 6.45 0.58 -8.49
N ASP A 52 5.93 0.03 -7.39
CA ASP A 52 4.91 0.59 -6.51
C ASP A 52 3.56 0.60 -7.22
N THR A 53 2.43 0.55 -6.46
CA THR A 53 1.14 0.71 -7.15
C THR A 53 0.56 2.10 -6.90
N PRO A 54 -0.42 2.50 -7.71
CA PRO A 54 -1.24 3.66 -7.36
C PRO A 54 -1.97 3.48 -6.03
N PHE A 55 -2.45 4.61 -5.52
CA PHE A 55 -3.18 4.70 -4.26
C PHE A 55 -4.32 3.70 -4.18
N THR A 56 -5.09 3.58 -5.26
CA THR A 56 -6.36 2.88 -5.27
C THR A 56 -6.35 1.75 -6.29
N ALA A 57 -7.23 0.76 -6.05
CA ALA A 57 -7.52 -0.24 -7.08
C ALA A 57 -7.86 0.41 -8.41
N LYS A 58 -8.57 1.56 -8.37
CA LYS A 58 -9.11 2.17 -9.58
C LYS A 58 -8.01 2.71 -10.48
N ASP A 59 -7.03 3.39 -9.91
CA ASP A 59 -5.96 3.88 -10.76
C ASP A 59 -5.01 2.76 -11.17
N THR A 60 -4.98 1.66 -10.42
CA THR A 60 -4.08 0.55 -10.75
C THR A 60 -4.57 -0.18 -12.00
N GLU A 61 -5.86 -0.48 -12.06
CA GLU A 61 -6.41 -0.95 -13.33
C GLU A 61 -6.14 0.06 -14.44
N LYS A 62 -6.31 1.36 -14.16
CA LYS A 62 -6.01 2.37 -15.16
C LYS A 62 -4.59 2.20 -15.69
N LEU A 63 -3.61 2.24 -14.78
CA LEU A 63 -2.21 2.17 -15.19
C LEU A 63 -1.92 0.88 -15.97
N VAL A 64 -2.42 -0.26 -15.48
CA VAL A 64 -2.19 -1.53 -16.16
C VAL A 64 -2.80 -1.51 -17.56
N THR A 65 -4.00 -0.93 -17.68
CA THR A 65 -4.73 -0.96 -18.94
C THR A 65 -3.98 -0.20 -20.02
N TRP A 66 -3.48 0.98 -19.67
CA TRP A 66 -2.70 1.79 -20.58
C TRP A 66 -1.59 0.97 -21.23
N PHE A 67 -0.84 0.20 -20.43
CA PHE A 67 0.29 -0.53 -20.98
C PHE A 67 -0.14 -1.81 -21.70
N VAL A 68 -1.11 -2.55 -21.14
CA VAL A 68 -1.72 -3.65 -21.89
C VAL A 68 -2.29 -3.12 -23.21
N GLU A 69 -2.87 -1.92 -23.20
CA GLU A 69 -3.41 -1.40 -24.46
C GLU A 69 -2.33 -0.94 -25.44
N ARG A 70 -1.07 -0.83 -25.02
CA ARG A 70 0.01 -0.53 -25.95
C ARG A 70 0.91 -1.72 -26.24
N GLY A 71 0.50 -2.92 -25.85
CA GLY A 71 1.20 -4.13 -26.22
C GLY A 71 2.10 -4.74 -25.17
N TYR A 72 1.83 -4.49 -23.90
CA TYR A 72 2.70 -4.98 -22.85
C TYR A 72 1.96 -5.90 -21.89
N LYS A 73 2.55 -7.07 -21.64
CA LYS A 73 2.06 -7.99 -20.61
C LYS A 73 2.60 -7.49 -19.27
N ILE A 74 1.70 -7.21 -18.33
CA ILE A 74 2.11 -6.74 -17.01
C ILE A 74 2.71 -7.93 -16.25
N LYS A 75 4.03 -7.95 -16.10
CA LYS A 75 4.71 -9.12 -15.57
C LYS A 75 4.89 -9.12 -14.05
N GLY A 76 4.67 -8.01 -13.37
CA GLY A 76 4.76 -8.04 -11.92
C GLY A 76 4.71 -6.65 -11.32
N SER A 77 4.66 -6.62 -9.99
CA SER A 77 4.55 -5.39 -9.23
C SER A 77 5.37 -5.54 -7.97
N ILE A 78 6.23 -4.56 -7.68
CA ILE A 78 6.99 -4.52 -6.44
C ILE A 78 6.49 -3.36 -5.61
N SER A 79 6.22 -3.61 -4.34
CA SER A 79 5.81 -2.56 -3.41
C SER A 79 7.02 -2.18 -2.56
N SER A 80 7.28 -0.87 -2.46
CA SER A 80 8.47 -0.34 -1.80
C SER A 80 8.32 -0.24 -0.28
N HIS A 81 7.09 -0.19 0.23
CA HIS A 81 6.86 -0.33 1.66
C HIS A 81 5.37 -0.62 1.84
N PHE A 82 4.95 -0.81 3.09
CA PHE A 82 3.60 -1.32 3.35
C PHE A 82 2.50 -0.24 3.34
N HIS A 83 2.86 1.05 3.32
CA HIS A 83 1.87 2.12 3.26
C HIS A 83 1.04 2.01 1.99
N SER A 84 -0.23 2.45 2.07
CA SER A 84 -1.12 2.16 0.94
C SER A 84 -0.82 2.98 -0.31
N ASP A 85 0.10 3.98 -0.26
CA ASP A 85 0.50 4.65 -1.49
C ASP A 85 1.48 3.83 -2.32
N SER A 86 1.94 2.69 -1.80
CA SER A 86 2.71 1.72 -2.56
C SER A 86 1.99 0.39 -2.78
N THR A 87 1.07 0.02 -1.88
CA THR A 87 0.43 -1.29 -1.87
C THR A 87 -1.05 -1.29 -2.24
N GLY A 88 -1.66 -0.12 -2.42
CA GLY A 88 -3.11 0.01 -2.46
C GLY A 88 -3.77 -0.72 -3.61
N GLY A 89 -3.01 -1.07 -4.66
CA GLY A 89 -3.51 -1.84 -5.77
C GLY A 89 -3.11 -3.30 -5.81
N ILE A 90 -2.57 -3.84 -4.70
CA ILE A 90 -2.11 -5.23 -4.72
C ILE A 90 -3.30 -6.19 -4.86
N GLU A 91 -4.40 -5.91 -4.16
CA GLU A 91 -5.57 -6.78 -4.26
C GLU A 91 -6.09 -6.86 -5.68
N TRP A 92 -6.22 -5.72 -6.35
CA TRP A 92 -6.65 -5.75 -7.74
C TRP A 92 -5.71 -6.62 -8.58
N LEU A 93 -4.40 -6.43 -8.46
CA LEU A 93 -3.47 -7.15 -9.30
C LEU A 93 -3.45 -8.64 -8.94
N ASN A 94 -3.69 -8.97 -7.66
CA ASN A 94 -3.77 -10.36 -7.24
C ASN A 94 -4.99 -11.05 -7.85
N SER A 95 -6.15 -10.39 -7.82
CA SER A 95 -7.35 -10.93 -8.44
C SER A 95 -7.24 -11.07 -9.95
N ARG A 96 -6.23 -10.49 -10.57
CA ARG A 96 -6.01 -10.62 -12.00
C ARG A 96 -4.84 -11.52 -12.33
N SER A 97 -4.31 -12.23 -11.32
CA SER A 97 -3.20 -13.16 -11.50
C SER A 97 -1.97 -12.46 -12.06
N ILE A 98 -1.62 -11.34 -11.44
CA ILE A 98 -0.39 -10.61 -11.72
C ILE A 98 0.47 -10.70 -10.48
N PRO A 99 1.67 -11.29 -10.57
CA PRO A 99 2.50 -11.47 -9.38
C PRO A 99 2.78 -10.13 -8.68
N THR A 100 2.43 -10.07 -7.39
CA THR A 100 2.77 -8.96 -6.53
C THR A 100 3.95 -9.34 -5.64
N TYR A 101 5.00 -8.52 -5.64
CA TYR A 101 6.17 -8.71 -4.80
C TYR A 101 6.24 -7.65 -3.69
N ALA A 102 6.68 -8.08 -2.51
CA ALA A 102 7.02 -7.16 -1.42
C ALA A 102 8.06 -7.85 -0.54
N SER A 103 8.83 -7.05 0.18
CA SER A 103 9.79 -7.62 1.11
C SER A 103 9.03 -8.38 2.19
N GLU A 104 9.69 -9.42 2.73
CA GLU A 104 9.10 -10.20 3.83
C GLU A 104 8.56 -9.29 4.91
N LEU A 105 9.36 -8.28 5.29
CA LEU A 105 8.91 -7.31 6.28
C LEU A 105 7.66 -6.57 5.83
N THR A 106 7.63 -6.08 4.57
CA THR A 106 6.44 -5.36 4.08
C THR A 106 5.20 -6.23 4.23
N ASN A 107 5.31 -7.53 3.94
CA ASN A 107 4.15 -8.41 3.98
C ASN A 107 3.68 -8.67 5.40
N GLU A 108 4.62 -8.82 6.34
CA GLU A 108 4.19 -8.97 7.73
C GLU A 108 3.57 -7.68 8.23
N LEU A 109 4.10 -6.52 7.82
CA LEU A 109 3.49 -5.26 8.22
C LEU A 109 2.14 -5.06 7.56
N LEU A 110 2.03 -5.44 6.28
CA LEU A 110 0.72 -5.56 5.66
C LEU A 110 -0.19 -6.48 6.48
N LYS A 111 0.34 -7.63 6.92
CA LYS A 111 -0.46 -8.56 7.72
C LYS A 111 -0.99 -7.92 9.01
N LYS A 112 -0.09 -7.33 9.81
CA LYS A 112 -0.51 -6.70 11.07
C LYS A 112 -1.54 -5.60 10.85
N ASP A 113 -1.51 -4.95 9.68
CA ASP A 113 -2.46 -3.92 9.31
C ASP A 113 -3.76 -4.48 8.73
N GLY A 114 -3.90 -5.81 8.65
CA GLY A 114 -5.11 -6.41 8.11
C GLY A 114 -5.32 -6.13 6.63
N LYS A 115 -4.25 -5.94 5.89
CA LYS A 115 -4.32 -5.61 4.47
C LYS A 115 -3.92 -6.83 3.65
N VAL A 116 -4.24 -6.80 2.36
CA VAL A 116 -3.90 -7.93 1.49
C VAL A 116 -2.40 -7.95 1.24
N GLN A 117 -1.77 -9.13 1.34
CA GLN A 117 -0.33 -9.21 1.14
C GLN A 117 0.01 -9.42 -0.33
N ALA A 118 1.25 -9.07 -0.68
CA ALA A 118 1.80 -9.45 -1.98
C ALA A 118 1.98 -10.96 -2.04
N THR A 119 1.83 -11.53 -3.25
CA THR A 119 1.82 -12.99 -3.36
C THR A 119 3.23 -13.60 -3.23
N ASN A 120 4.23 -12.98 -3.83
CA ASN A 120 5.62 -13.39 -3.65
C ASN A 120 6.28 -12.48 -2.62
N SER A 121 7.32 -12.99 -1.94
CA SER A 121 8.11 -12.11 -1.09
C SER A 121 9.58 -12.49 -1.13
N PHE A 122 10.43 -11.53 -0.81
CA PHE A 122 11.88 -11.71 -0.86
C PHE A 122 12.45 -11.34 0.49
N SER A 123 13.53 -12.01 0.88
CA SER A 123 14.22 -11.72 2.13
C SER A 123 15.68 -11.43 1.86
N GLY A 124 16.18 -10.35 2.46
CA GLY A 124 17.57 -9.97 2.27
C GLY A 124 17.78 -8.56 1.75
N VAL A 125 18.96 -8.01 2.01
CA VAL A 125 19.32 -6.66 1.58
C VAL A 125 19.14 -6.46 0.08
N ASN A 126 19.35 -7.50 -0.71
CA ASN A 126 19.18 -7.44 -2.15
C ASN A 126 18.04 -8.33 -2.62
N TYR A 127 17.54 -8.02 -3.81
CA TYR A 127 16.66 -8.92 -4.52
C TYR A 127 16.47 -8.50 -5.95
N TRP A 128 17.06 -9.21 -6.90
CA TRP A 128 16.79 -8.92 -8.31
C TRP A 128 15.38 -9.36 -8.66
N LEU A 129 14.51 -8.37 -8.93
CA LEU A 129 13.18 -8.64 -9.44
C LEU A 129 13.24 -9.12 -10.89
N VAL A 130 14.21 -8.60 -11.65
CA VAL A 130 14.61 -9.13 -12.95
C VAL A 130 16.11 -8.91 -13.01
N LYS A 131 16.89 -10.00 -12.99
CA LYS A 131 18.33 -9.91 -12.85
C LYS A 131 18.93 -8.97 -13.90
N ASN A 132 19.91 -8.17 -13.47
CA ASN A 132 20.59 -7.19 -14.32
C ASN A 132 19.64 -6.12 -14.87
N LYS A 133 18.45 -5.96 -14.31
CA LYS A 133 17.49 -5.06 -14.96
C LYS A 133 16.66 -4.28 -13.96
N ILE A 134 16.23 -4.92 -12.86
CA ILE A 134 15.54 -4.23 -11.78
C ILE A 134 16.08 -4.80 -10.49
N GLU A 135 16.59 -3.94 -9.62
CA GLU A 135 17.18 -4.40 -8.38
C GLU A 135 16.42 -3.77 -7.22
N VAL A 136 16.11 -4.59 -6.20
CA VAL A 136 15.55 -4.07 -4.96
C VAL A 136 16.66 -4.01 -3.92
N PHE A 137 16.71 -2.91 -3.16
CA PHE A 137 17.74 -2.67 -2.15
C PHE A 137 17.12 -2.20 -0.85
N TYR A 138 17.63 -2.70 0.27
CA TYR A 138 17.16 -2.26 1.58
C TYR A 138 18.23 -1.42 2.26
N PRO A 139 18.08 -0.09 2.29
CA PRO A 139 19.10 0.75 2.92
C PRO A 139 19.04 0.76 4.44
N GLY A 140 17.97 0.24 5.03
CA GLY A 140 17.78 0.27 6.46
C GLY A 140 16.53 1.03 6.82
N PRO A 141 16.14 0.99 8.09
CA PRO A 141 14.90 1.66 8.48
C PRO A 141 15.02 3.16 8.30
N GLY A 142 13.90 3.78 7.95
CA GLY A 142 13.85 5.22 7.73
C GLY A 142 12.43 5.77 7.75
N HIS A 143 11.85 5.94 6.56
CA HIS A 143 10.45 6.35 6.47
C HIS A 143 9.54 5.35 7.17
N THR A 144 9.73 4.07 6.90
CA THR A 144 9.10 2.96 7.61
C THR A 144 10.21 1.99 7.96
N PRO A 145 9.90 0.92 8.71
CA PRO A 145 10.92 -0.12 8.93
C PRO A 145 11.30 -0.89 7.66
N ASP A 146 10.40 -1.02 6.71
CA ASP A 146 10.61 -1.92 5.59
C ASP A 146 10.94 -1.23 4.29
N ASN A 147 11.12 0.10 4.28
CA ASN A 147 11.14 0.79 2.99
C ASN A 147 12.34 0.35 2.15
N VAL A 148 12.10 0.18 0.85
CA VAL A 148 13.12 -0.25 -0.08
C VAL A 148 13.18 0.73 -1.25
N VAL A 149 14.29 0.67 -1.98
CA VAL A 149 14.40 1.41 -3.22
C VAL A 149 14.57 0.40 -4.35
N VAL A 150 14.39 0.89 -5.57
CA VAL A 150 14.44 0.07 -6.77
C VAL A 150 15.36 0.74 -7.78
N TRP A 151 16.36 -0.01 -8.25
CA TRP A 151 17.46 0.52 -9.04
C TRP A 151 17.43 -0.13 -10.41
N LEU A 152 17.53 0.68 -11.43
CA LEU A 152 17.63 0.17 -12.78
C LEU A 152 19.04 0.37 -13.26
N PRO A 153 19.77 -0.69 -13.53
CA PRO A 153 21.22 -0.56 -13.78
C PRO A 153 21.61 -0.01 -15.14
N GLU A 154 20.80 -0.24 -16.18
CA GLU A 154 21.08 0.27 -17.54
C GLU A 154 20.54 1.69 -17.78
N ARG A 155 19.86 2.27 -16.78
CA ARG A 155 19.39 3.65 -16.84
C ARG A 155 19.94 4.49 -15.71
N LYS A 156 20.54 3.85 -14.70
CA LYS A 156 21.07 4.53 -13.52
C LYS A 156 19.99 5.37 -12.85
N ILE A 157 18.73 4.87 -12.86
CA ILE A 157 17.59 5.52 -12.23
C ILE A 157 17.37 4.91 -10.84
N LEU A 158 16.92 5.72 -9.88
CA LEU A 158 16.72 5.25 -8.51
C LEU A 158 15.34 5.66 -8.01
N PHE A 159 14.35 4.78 -8.15
CA PHE A 159 13.11 5.00 -7.43
C PHE A 159 13.35 5.02 -5.92
N GLY A 160 13.31 6.17 -5.30
CA GLY A 160 13.59 6.18 -3.88
C GLY A 160 12.42 5.87 -3.00
N GLY A 161 11.21 5.85 -3.56
CA GLY A 161 10.03 5.70 -2.74
C GLY A 161 9.93 6.82 -1.71
N CYS A 162 9.10 6.58 -0.70
CA CYS A 162 8.98 7.52 0.40
C CYS A 162 10.25 7.60 1.26
N PHE A 163 11.31 6.82 0.95
CA PHE A 163 12.55 6.97 1.72
C PHE A 163 13.28 8.26 1.39
N ILE A 164 13.06 8.81 0.20
CA ILE A 164 13.73 10.03 -0.25
C ILE A 164 12.79 11.21 0.04
N LYS A 165 13.21 12.08 0.95
CA LYS A 165 12.45 13.26 1.33
C LYS A 165 13.40 14.46 1.28
N PRO A 166 13.57 15.07 0.10
CA PRO A 166 14.59 16.13 -0.04
C PRO A 166 14.30 17.40 0.75
N TYR A 167 13.03 17.77 0.91
CA TYR A 167 12.65 19.10 1.38
C TYR A 167 11.87 19.05 2.69
N GLY A 168 11.96 17.93 3.42
CA GLY A 168 11.17 17.67 4.61
C GLY A 168 10.74 16.21 4.67
N LEU A 169 10.77 15.57 5.86
CA LEU A 169 10.58 14.13 5.98
C LEU A 169 9.12 13.69 6.00
N GLY A 170 8.16 14.60 6.16
CA GLY A 170 6.76 14.21 6.00
C GLY A 170 6.25 13.41 7.19
N ASN A 171 5.43 12.38 6.90
CA ASN A 171 4.75 11.65 7.96
C ASN A 171 5.72 10.77 8.75
N LEU A 172 5.60 10.82 10.08
CA LEU A 172 6.64 10.31 10.95
C LEU A 172 6.17 9.26 11.94
N GLY A 173 4.87 8.91 11.96
CA GLY A 173 4.39 7.97 12.96
C GLY A 173 5.03 6.60 12.84
N ASP A 174 5.12 6.11 11.62
CA ASP A 174 5.74 4.82 11.33
C ASP A 174 7.22 4.92 11.04
N ALA A 175 7.84 6.06 11.31
CA ALA A 175 9.21 6.31 10.91
C ALA A 175 10.19 6.04 12.03
N ASN A 176 11.47 5.97 11.64
CA ASN A 176 12.61 5.72 12.53
C ASN A 176 13.62 6.84 12.23
N ILE A 177 13.52 7.96 12.95
CA ILE A 177 14.44 9.05 12.65
C ILE A 177 15.84 8.74 13.15
N GLU A 178 15.94 7.96 14.24
CA GLU A 178 17.25 7.62 14.76
C GLU A 178 18.06 6.77 13.77
N ALA A 179 17.39 5.88 13.01
CA ALA A 179 18.10 5.07 12.03
C ALA A 179 18.18 5.70 10.64
N TRP A 180 17.35 6.69 10.34
CA TRP A 180 17.25 7.19 8.96
C TRP A 180 18.56 7.78 8.41
N PRO A 181 19.33 8.61 9.16
CA PRO A 181 20.64 9.07 8.62
C PRO A 181 21.56 7.93 8.19
N LYS A 182 21.66 6.86 8.99
CA LYS A 182 22.51 5.73 8.63
C LYS A 182 22.06 5.09 7.33
N SER A 183 20.75 4.93 7.13
CA SER A 183 20.27 4.36 5.88
C SER A 183 20.50 5.32 4.72
N ALA A 184 20.22 6.61 4.92
CA ALA A 184 20.49 7.59 3.87
C ALA A 184 21.97 7.68 3.54
N LYS A 185 22.84 7.50 4.55
CA LYS A 185 24.27 7.45 4.28
C LYS A 185 24.61 6.25 3.42
N LEU A 186 24.21 5.05 3.87
CA LEU A 186 24.45 3.83 3.11
C LEU A 186 23.74 3.85 1.75
N LEU A 187 22.67 4.63 1.60
CA LEU A 187 21.99 4.68 0.30
C LEU A 187 22.84 5.44 -0.71
N LYS A 188 23.30 6.64 -0.33
CA LYS A 188 24.18 7.41 -1.21
C LYS A 188 25.50 6.67 -1.42
N SER A 189 25.98 5.97 -0.39
CA SER A 189 27.18 5.15 -0.52
C SER A 189 27.11 4.22 -1.72
N LYS A 190 25.96 3.58 -1.92
CA LYS A 190 25.81 2.58 -2.96
C LYS A 190 25.37 3.15 -4.31
N TYR A 191 24.53 4.19 -4.33
CA TYR A 191 23.92 4.67 -5.57
C TYR A 191 24.27 6.11 -5.88
N GLY A 192 25.47 6.56 -5.49
CA GLY A 192 25.90 7.91 -5.86
C GLY A 192 25.78 8.18 -7.35
N LYS A 193 25.89 7.14 -8.18
CA LYS A 193 25.82 7.23 -9.63
C LYS A 193 24.40 7.37 -10.16
N ALA A 194 23.44 7.72 -9.31
CA ALA A 194 22.07 7.85 -9.74
C ALA A 194 21.93 9.06 -10.65
N LYS A 195 21.74 8.79 -11.95
CA LYS A 195 21.45 9.88 -12.88
C LYS A 195 20.14 10.57 -12.52
N LEU A 196 19.10 9.80 -12.18
CA LEU A 196 17.80 10.31 -11.79
C LEU A 196 17.32 9.61 -10.53
N VAL A 197 16.71 10.35 -9.61
CA VAL A 197 16.15 9.80 -8.39
C VAL A 197 14.67 10.22 -8.33
N VAL A 198 13.77 9.25 -8.48
CA VAL A 198 12.34 9.50 -8.41
C VAL A 198 11.88 9.25 -6.98
N PRO A 199 11.50 10.27 -6.23
CA PRO A 199 10.93 10.06 -4.90
C PRO A 199 9.42 9.87 -5.01
N SER A 200 8.84 9.44 -3.90
CA SER A 200 7.41 9.19 -3.87
C SER A 200 6.64 10.50 -3.99
N HIS A 201 6.98 11.48 -3.15
CA HIS A 201 6.11 12.62 -2.91
C HIS A 201 6.69 13.96 -3.35
N SER A 202 7.86 13.97 -3.97
CA SER A 202 8.44 15.16 -4.57
C SER A 202 8.86 14.78 -5.98
N GLU A 203 9.08 15.78 -6.82
CA GLU A 203 9.29 15.48 -8.23
C GLU A 203 10.66 14.85 -8.43
N VAL A 204 10.84 14.30 -9.62
CA VAL A 204 12.11 13.67 -9.95
C VAL A 204 13.21 14.71 -9.83
N GLY A 205 14.29 14.33 -9.16
CA GLY A 205 15.47 15.14 -9.09
C GLY A 205 16.69 14.38 -9.56
N ASP A 206 17.81 14.51 -8.84
CA ASP A 206 19.06 13.87 -9.25
C ASP A 206 19.81 13.45 -8.00
N ALA A 207 21.06 13.04 -8.19
CA ALA A 207 21.82 12.40 -7.11
C ALA A 207 21.81 13.22 -5.82
N SER A 208 21.69 14.53 -5.93
CA SER A 208 21.65 15.37 -4.75
C SER A 208 20.48 15.01 -3.85
N LEU A 209 19.39 14.49 -4.44
CA LEU A 209 18.24 14.08 -3.64
C LEU A 209 18.68 13.08 -2.57
N LEU A 210 19.65 12.21 -2.89
CA LEU A 210 20.27 11.41 -1.85
C LEU A 210 20.97 12.30 -0.83
N LYS A 211 21.70 13.32 -1.32
CA LYS A 211 22.36 14.24 -0.40
C LYS A 211 21.34 15.08 0.36
N LEU A 212 20.28 15.51 -0.32
CA LEU A 212 19.28 16.33 0.38
C LEU A 212 18.55 15.51 1.44
N THR A 213 18.25 14.24 1.15
CA THR A 213 17.54 13.40 2.12
C THR A 213 18.40 13.09 3.32
N LEU A 214 19.66 12.75 3.09
CA LEU A 214 20.62 12.54 4.17
C LEU A 214 20.58 13.70 5.16
N GLU A 215 20.73 14.93 4.65
CA GLU A 215 20.81 16.09 5.54
C GLU A 215 19.47 16.45 6.16
N GLN A 216 18.34 16.03 5.56
CA GLN A 216 17.06 16.19 6.24
C GLN A 216 16.85 15.09 7.29
N ALA A 217 17.39 13.88 7.05
CA ALA A 217 17.28 12.81 8.04
C ALA A 217 18.00 13.18 9.33
N VAL A 218 19.24 13.66 9.21
CA VAL A 218 19.99 14.10 10.39
C VAL A 218 19.35 15.31 11.06
N LYS A 219 18.63 16.15 10.31
CA LYS A 219 17.95 17.30 10.93
C LYS A 219 16.81 16.87 11.85
N GLY A 220 16.12 15.76 11.53
CA GLY A 220 15.09 15.27 12.43
C GLY A 220 15.65 14.60 13.68
N LEU A 221 16.82 13.96 13.55
CA LEU A 221 17.51 13.45 14.73
C LEU A 221 17.90 14.59 15.67
N ASN A 222 18.24 15.76 15.11
CA ASN A 222 18.53 16.93 15.92
C ASN A 222 17.31 17.34 16.74
N GLU A 223 16.21 17.62 16.04
CA GLU A 223 14.96 18.06 16.66
C GLU A 223 14.45 17.08 17.71
N SER A 224 15.02 15.88 17.81
CA SER A 224 14.62 14.94 18.84
C SER A 224 14.79 15.52 20.25
N LYS A 225 15.90 16.22 20.51
CA LYS A 225 16.16 16.81 21.83
C LYS A 225 15.42 18.16 21.95
N LYS A 226 14.10 18.07 22.17
CA LYS A 226 13.22 19.23 22.32
C LYS A 226 12.93 19.60 23.78
N PRO A 227 12.85 18.63 24.73
CA PRO A 227 12.63 19.13 26.10
C PRO A 227 13.90 19.18 26.95
N GLY B 1 11.33 -40.07 -16.67
CA GLY B 1 10.63 -39.60 -17.85
C GLY B 1 9.20 -39.18 -17.54
N PRO B 2 8.42 -38.83 -18.57
CA PRO B 2 7.12 -38.18 -18.32
C PRO B 2 6.08 -39.11 -17.72
N GLY B 3 6.20 -40.42 -17.95
CA GLY B 3 5.22 -41.34 -17.42
C GLY B 3 5.43 -41.65 -15.95
N VAL B 4 4.37 -42.12 -15.30
CA VAL B 4 4.50 -42.64 -13.94
C VAL B 4 5.29 -43.95 -13.97
N GLY B 5 6.28 -44.05 -13.12
CA GLY B 5 6.88 -45.35 -12.86
C GLY B 5 5.81 -46.23 -12.23
N GLU B 6 5.37 -47.25 -12.96
CA GLU B 6 4.20 -48.04 -12.56
C GLU B 6 4.67 -49.34 -11.92
N SER B 7 5.22 -49.19 -10.70
CA SER B 7 5.79 -50.28 -9.93
C SER B 7 6.42 -49.68 -8.68
N LEU B 8 6.48 -48.35 -8.62
CA LEU B 8 7.36 -47.64 -7.68
C LEU B 8 6.94 -47.87 -6.24
N PRO B 9 7.88 -47.76 -5.30
CA PRO B 9 7.50 -47.86 -3.89
C PRO B 9 6.67 -46.64 -3.45
N ASP B 10 5.73 -46.93 -2.56
CA ASP B 10 4.92 -45.92 -1.88
C ASP B 10 5.77 -44.92 -1.09
N LEU B 11 5.29 -43.68 -1.04
CA LEU B 11 5.86 -42.70 -0.14
C LEU B 11 5.91 -43.24 1.28
N LYS B 12 7.09 -43.17 1.92
CA LYS B 12 7.23 -43.52 3.31
C LYS B 12 7.28 -42.25 4.15
N ILE B 13 6.54 -42.26 5.26
CA ILE B 13 6.64 -41.22 6.30
C ILE B 13 6.97 -41.90 7.61
N GLU B 14 8.18 -41.66 8.11
CA GLU B 14 8.70 -42.31 9.30
C GLU B 14 9.09 -41.24 10.32
N LYS B 15 8.69 -41.45 11.57
CA LYS B 15 9.20 -40.61 12.66
C LYS B 15 10.72 -40.77 12.78
N LEU B 16 11.38 -39.73 13.27
CA LEU B 16 12.85 -39.70 13.36
C LEU B 16 13.37 -39.02 14.61
N ASP B 17 12.59 -38.14 15.22
CA ASP B 17 12.86 -37.53 16.52
C ASP B 17 11.52 -36.94 16.94
N GLU B 18 11.49 -36.24 18.08
CA GLU B 18 10.20 -35.91 18.67
C GLU B 18 9.31 -35.14 17.68
N GLY B 19 9.84 -34.10 17.05
CA GLY B 19 9.03 -33.38 16.09
C GLY B 19 9.38 -33.56 14.63
N VAL B 20 10.24 -34.52 14.28
CA VAL B 20 10.78 -34.61 12.93
C VAL B 20 10.38 -35.94 12.31
N TYR B 21 9.97 -35.90 11.05
CA TYR B 21 9.68 -37.08 10.25
C TYR B 21 10.53 -37.03 9.00
N VAL B 22 10.89 -38.21 8.47
CA VAL B 22 11.48 -38.31 7.14
C VAL B 22 10.40 -38.80 6.19
N HIS B 23 10.29 -38.15 5.04
CA HIS B 23 9.50 -38.69 3.95
C HIS B 23 10.47 -39.17 2.90
N THR B 24 10.17 -40.35 2.36
CA THR B 24 10.96 -40.98 1.30
C THR B 24 10.02 -41.20 0.11
N SER B 25 10.29 -40.49 -0.99
CA SER B 25 9.68 -40.85 -2.27
C SER B 25 10.71 -41.52 -3.17
N PHE B 26 10.22 -42.14 -4.25
CA PHE B 26 11.02 -42.94 -5.18
C PHE B 26 10.67 -42.61 -6.63
N GLU B 27 11.69 -42.46 -7.47
CA GLU B 27 11.46 -42.23 -8.89
C GLU B 27 12.49 -43.01 -9.71
N GLU B 28 12.09 -43.43 -10.91
CA GLU B 28 13.02 -44.02 -11.86
C GLU B 28 13.81 -42.88 -12.51
N VAL B 29 15.10 -42.83 -12.20
CA VAL B 29 16.04 -41.94 -12.88
C VAL B 29 16.85 -42.80 -13.85
N ASN B 30 17.04 -42.29 -15.07
CA ASN B 30 17.72 -43.09 -16.08
C ASN B 30 19.22 -43.09 -15.81
N GLY B 31 19.80 -44.30 -15.72
CA GLY B 31 21.19 -44.48 -15.37
C GLY B 31 21.39 -45.08 -13.99
N TRP B 32 20.55 -44.65 -13.05
CA TRP B 32 20.38 -45.27 -11.75
C TRP B 32 19.11 -46.11 -11.83
N GLY B 33 18.79 -46.83 -10.76
CA GLY B 33 17.53 -47.55 -10.85
C GLY B 33 16.34 -46.71 -10.43
N VAL B 34 15.49 -47.29 -9.59
CA VAL B 34 14.66 -46.51 -8.69
C VAL B 34 15.58 -45.77 -7.72
N VAL B 35 15.29 -44.49 -7.50
CA VAL B 35 16.13 -43.63 -6.68
C VAL B 35 15.31 -43.17 -5.47
N PRO B 36 15.83 -43.27 -4.25
CA PRO B 36 15.14 -42.68 -3.10
C PRO B 36 15.41 -41.18 -2.99
N LYS B 37 14.47 -40.47 -2.38
CA LYS B 37 14.71 -39.08 -1.99
C LYS B 37 14.14 -38.84 -0.60
N HIS B 38 14.99 -38.35 0.29
CA HIS B 38 14.57 -38.02 1.65
C HIS B 38 14.34 -36.53 1.79
N GLY B 39 13.25 -36.19 2.48
CA GLY B 39 13.09 -34.87 3.06
C GLY B 39 12.58 -35.02 4.49
N LEU B 40 12.32 -33.89 5.11
CA LEU B 40 11.74 -33.92 6.45
C LEU B 40 10.36 -33.28 6.45
N VAL B 41 9.60 -33.61 7.50
CA VAL B 41 8.47 -32.82 7.94
C VAL B 41 8.76 -32.41 9.37
N VAL B 42 8.80 -31.09 9.63
CA VAL B 42 9.04 -30.54 10.96
C VAL B 42 7.74 -29.95 11.49
N LEU B 43 7.32 -30.41 12.67
CA LEU B 43 6.15 -29.86 13.35
C LEU B 43 6.58 -28.72 14.26
N VAL B 44 6.14 -27.51 13.95
CA VAL B 44 6.30 -26.33 14.78
C VAL B 44 4.90 -25.92 15.23
N ASN B 45 4.62 -26.05 16.53
CA ASN B 45 3.29 -25.72 17.05
C ASN B 45 2.18 -26.46 16.30
N ALA B 46 2.38 -27.76 16.10
CA ALA B 46 1.39 -28.64 15.50
C ALA B 46 0.95 -28.20 14.10
N GLU B 47 1.83 -27.53 13.36
CA GLU B 47 1.66 -27.26 11.94
C GLU B 47 2.94 -27.71 11.24
N ALA B 48 2.80 -28.22 10.02
CA ALA B 48 3.90 -28.94 9.39
C ALA B 48 4.67 -28.05 8.42
N TYR B 49 6.00 -28.16 8.48
CA TYR B 49 6.92 -27.59 7.51
C TYR B 49 7.58 -28.74 6.74
N LEU B 50 7.41 -28.73 5.42
CA LEU B 50 8.09 -29.69 4.56
C LEU B 50 9.49 -29.18 4.24
N ILE B 51 10.48 -30.05 4.42
CA ILE B 51 11.86 -29.80 4.06
C ILE B 51 12.14 -30.58 2.79
N ASP B 52 11.99 -29.93 1.63
CA ASP B 52 11.99 -30.52 0.29
C ASP B 52 10.64 -31.15 -0.03
N THR B 53 10.17 -30.98 -1.29
CA THR B 53 8.97 -31.70 -1.68
C THR B 53 9.34 -33.08 -2.19
N PRO B 54 8.41 -33.99 -2.31
CA PRO B 54 8.70 -35.24 -3.02
C PRO B 54 9.08 -34.99 -4.49
N PHE B 55 9.33 -36.06 -5.27
CA PHE B 55 9.60 -35.86 -6.70
C PHE B 55 8.41 -35.21 -7.40
N THR B 56 7.21 -35.63 -7.00
CA THR B 56 5.98 -35.42 -7.75
C THR B 56 4.89 -34.76 -6.91
N ALA B 57 3.94 -34.14 -7.62
CA ALA B 57 2.70 -33.65 -7.02
C ALA B 57 1.91 -34.78 -6.36
N LYS B 58 1.91 -35.98 -6.97
CA LYS B 58 1.16 -37.10 -6.40
C LYS B 58 1.68 -37.45 -5.00
N ASP B 59 3.01 -37.52 -4.85
CA ASP B 59 3.57 -37.80 -3.54
C ASP B 59 3.53 -36.59 -2.63
N THR B 60 3.55 -35.38 -3.19
CA THR B 60 3.39 -34.23 -2.31
C THR B 60 2.00 -34.22 -1.72
N GLU B 61 0.98 -34.34 -2.58
CA GLU B 61 -0.37 -34.46 -2.06
C GLU B 61 -0.48 -35.59 -1.03
N LYS B 62 0.20 -36.72 -1.29
CA LYS B 62 0.08 -37.86 -0.37
C LYS B 62 0.80 -37.62 0.95
N LEU B 63 1.92 -36.87 0.93
CA LEU B 63 2.54 -36.44 2.19
C LEU B 63 1.71 -35.36 2.89
N VAL B 64 1.15 -34.42 2.12
CA VAL B 64 0.35 -33.34 2.71
C VAL B 64 -0.92 -33.91 3.35
N THR B 65 -1.70 -34.69 2.56
CA THR B 65 -2.93 -35.31 3.08
C THR B 65 -2.68 -36.08 4.37
N TRP B 66 -1.55 -36.80 4.45
CA TRP B 66 -1.23 -37.56 5.65
C TRP B 66 -1.18 -36.67 6.88
N PHE B 67 -0.40 -35.59 6.80
CA PHE B 67 -0.30 -34.73 7.97
C PHE B 67 -1.59 -33.95 8.22
N VAL B 68 -2.27 -33.51 7.15
CA VAL B 68 -3.46 -32.69 7.33
C VAL B 68 -4.61 -33.51 7.94
N GLU B 69 -4.73 -34.78 7.55
CA GLU B 69 -5.76 -35.64 8.12
C GLU B 69 -5.62 -35.77 9.62
N ARG B 70 -4.41 -36.07 10.08
CA ARG B 70 -4.07 -36.14 11.48
C ARG B 70 -4.12 -34.75 12.21
N GLY B 71 -4.67 -33.69 11.62
CA GLY B 71 -4.81 -32.41 12.26
C GLY B 71 -3.66 -31.45 12.13
N TYR B 72 -2.70 -31.69 11.25
CA TYR B 72 -1.51 -30.83 11.12
C TYR B 72 -1.53 -30.11 9.77
N LYS B 73 -2.02 -28.87 9.75
CA LYS B 73 -2.01 -28.10 8.51
C LYS B 73 -0.59 -27.66 8.16
N ILE B 74 -0.39 -27.33 6.88
CA ILE B 74 0.95 -27.11 6.34
C ILE B 74 1.30 -25.62 6.44
N LYS B 75 2.32 -25.31 7.25
CA LYS B 75 2.79 -23.94 7.36
C LYS B 75 3.57 -23.53 6.12
N GLY B 76 4.40 -24.41 5.59
CA GLY B 76 5.10 -24.09 4.37
C GLY B 76 6.12 -25.14 3.96
N SER B 77 6.75 -24.86 2.82
CA SER B 77 7.71 -25.77 2.22
C SER B 77 8.96 -24.99 1.82
N ILE B 78 10.13 -25.56 2.06
CA ILE B 78 11.39 -24.97 1.63
C ILE B 78 12.12 -26.02 0.79
N SER B 79 12.85 -25.56 -0.20
CA SER B 79 13.46 -26.45 -1.17
C SER B 79 14.95 -26.25 -1.18
N SER B 80 15.70 -27.36 -1.05
CA SER B 80 17.12 -27.27 -0.75
C SER B 80 17.94 -26.92 -1.99
N HIS B 81 17.50 -27.30 -3.18
CA HIS B 81 18.10 -26.79 -4.41
C HIS B 81 17.04 -26.85 -5.49
N PHE B 82 17.42 -26.56 -6.74
CA PHE B 82 16.41 -26.30 -7.77
C PHE B 82 15.95 -27.56 -8.48
N HIS B 83 16.67 -28.67 -8.32
CA HIS B 83 16.34 -29.91 -9.02
C HIS B 83 14.97 -30.42 -8.58
N SER B 84 14.31 -31.16 -9.48
CA SER B 84 12.90 -31.47 -9.29
C SER B 84 12.64 -32.47 -8.16
N ASP B 85 13.67 -33.14 -7.64
CA ASP B 85 13.43 -33.93 -6.45
C ASP B 85 13.34 -33.07 -5.19
N SER B 86 13.82 -31.84 -5.25
CA SER B 86 13.62 -30.93 -4.13
C SER B 86 12.40 -30.04 -4.34
N THR B 87 11.97 -29.88 -5.60
CA THR B 87 11.07 -28.80 -5.99
C THR B 87 9.79 -29.25 -6.67
N GLY B 88 9.69 -30.51 -7.11
CA GLY B 88 8.57 -30.95 -7.94
C GLY B 88 7.18 -30.66 -7.40
N GLY B 89 7.02 -30.63 -6.07
CA GLY B 89 5.74 -30.26 -5.47
C GLY B 89 5.44 -28.77 -5.30
N ILE B 90 6.31 -27.85 -5.74
CA ILE B 90 6.06 -26.46 -5.41
C ILE B 90 4.79 -25.97 -6.10
N GLU B 91 4.58 -26.34 -7.37
CA GLU B 91 3.38 -25.91 -8.06
C GLU B 91 2.13 -26.45 -7.37
N TRP B 92 2.13 -27.72 -6.95
CA TRP B 92 0.98 -28.27 -6.23
C TRP B 92 0.74 -27.51 -4.93
N LEU B 93 1.82 -27.11 -4.24
CA LEU B 93 1.65 -26.38 -2.99
C LEU B 93 1.25 -24.93 -3.22
N ASN B 94 1.77 -24.32 -4.28
CA ASN B 94 1.40 -22.93 -4.57
C ASN B 94 -0.04 -22.83 -5.00
N SER B 95 -0.53 -23.82 -5.76
CA SER B 95 -1.93 -23.84 -6.16
C SER B 95 -2.87 -24.04 -4.96
N ARG B 96 -2.34 -24.41 -3.79
CA ARG B 96 -3.12 -24.60 -2.57
C ARG B 96 -2.83 -23.53 -1.52
N SER B 97 -2.16 -22.46 -1.91
CA SER B 97 -1.91 -21.31 -1.05
C SER B 97 -1.02 -21.66 0.14
N ILE B 98 -0.28 -22.76 0.07
CA ILE B 98 0.76 -23.07 1.06
C ILE B 98 2.03 -22.31 0.68
N PRO B 99 2.62 -21.53 1.58
CA PRO B 99 3.87 -20.84 1.24
C PRO B 99 4.97 -21.83 0.88
N THR B 100 5.77 -21.46 -0.13
CA THR B 100 6.95 -22.21 -0.56
C THR B 100 8.17 -21.30 -0.50
N TYR B 101 9.31 -21.89 -0.14
CA TYR B 101 10.54 -21.17 0.13
C TYR B 101 11.66 -21.77 -0.69
N ALA B 102 12.58 -20.90 -1.12
CA ALA B 102 13.84 -21.34 -1.72
C ALA B 102 14.75 -20.13 -1.82
N SER B 103 16.06 -20.37 -1.95
CA SER B 103 17.01 -19.29 -2.17
C SER B 103 16.64 -18.50 -3.42
N GLU B 104 17.01 -17.21 -3.42
CA GLU B 104 16.89 -16.38 -4.61
C GLU B 104 17.55 -17.05 -5.81
N LEU B 105 18.78 -17.56 -5.61
CA LEU B 105 19.42 -18.38 -6.64
C LEU B 105 18.56 -19.58 -7.08
N THR B 106 18.01 -20.34 -6.11
CA THR B 106 17.15 -21.47 -6.50
C THR B 106 15.99 -20.98 -7.39
N ASN B 107 15.36 -19.85 -7.04
CA ASN B 107 14.29 -19.37 -7.91
C ASN B 107 14.81 -18.96 -9.29
N GLU B 108 15.99 -18.32 -9.35
CA GLU B 108 16.64 -18.04 -10.63
C GLU B 108 16.90 -19.32 -11.43
N LEU B 109 17.33 -20.40 -10.77
CA LEU B 109 17.62 -21.63 -11.50
C LEU B 109 16.36 -22.36 -11.92
N LEU B 110 15.28 -22.23 -11.14
CA LEU B 110 14.01 -22.80 -11.55
C LEU B 110 13.45 -22.07 -12.75
N LYS B 111 13.47 -20.73 -12.70
CA LYS B 111 12.94 -19.96 -13.82
C LYS B 111 13.73 -20.23 -15.09
N LYS B 112 15.06 -20.30 -14.98
CA LYS B 112 15.88 -20.57 -16.14
C LYS B 112 15.51 -21.94 -16.73
N ASP B 113 15.35 -22.94 -15.86
CA ASP B 113 14.88 -24.27 -16.22
C ASP B 113 13.38 -24.32 -16.48
N GLY B 114 12.73 -23.17 -16.68
CA GLY B 114 11.31 -23.11 -17.00
C GLY B 114 10.37 -23.85 -16.07
N LYS B 115 10.54 -23.68 -14.76
CA LYS B 115 9.71 -24.32 -13.75
C LYS B 115 9.12 -23.27 -12.82
N VAL B 116 8.04 -23.64 -12.14
CA VAL B 116 7.39 -22.76 -11.19
C VAL B 116 8.35 -22.45 -10.03
N GLN B 117 8.26 -21.22 -9.50
CA GLN B 117 9.15 -20.77 -8.44
C GLN B 117 8.46 -20.83 -7.09
N ALA B 118 9.28 -20.99 -6.04
CA ALA B 118 8.83 -20.78 -4.67
C ALA B 118 8.31 -19.35 -4.52
N THR B 119 7.30 -19.16 -3.67
CA THR B 119 6.68 -17.85 -3.51
C THR B 119 7.43 -16.97 -2.50
N ASN B 120 8.49 -17.48 -1.88
CA ASN B 120 9.24 -16.75 -0.87
C ASN B 120 10.71 -17.07 -1.07
N SER B 121 11.49 -16.10 -1.56
CA SER B 121 12.93 -16.28 -1.71
C SER B 121 13.65 -15.64 -0.53
N PHE B 122 14.86 -16.14 -0.26
CA PHE B 122 15.76 -15.54 0.70
C PHE B 122 17.13 -15.37 0.05
N SER B 123 17.93 -14.44 0.59
CA SER B 123 19.17 -14.02 -0.04
C SER B 123 20.44 -14.34 0.74
N GLY B 124 20.35 -14.53 2.06
CA GLY B 124 21.52 -14.57 2.92
C GLY B 124 21.98 -15.98 3.23
N VAL B 125 23.29 -16.13 3.41
CA VAL B 125 23.86 -17.45 3.72
C VAL B 125 23.26 -18.04 4.99
N ASN B 126 22.69 -17.21 5.86
CA ASN B 126 21.90 -17.70 6.99
C ASN B 126 20.51 -17.09 6.94
N TYR B 127 19.50 -17.93 7.09
CA TYR B 127 18.10 -17.58 7.01
C TYR B 127 17.31 -18.46 7.96
N TRP B 128 16.40 -17.86 8.72
CA TRP B 128 15.50 -18.62 9.57
C TRP B 128 14.15 -18.72 8.89
N LEU B 129 13.72 -19.97 8.63
CA LEU B 129 12.30 -20.20 8.43
C LEU B 129 11.57 -20.05 9.75
N VAL B 130 12.05 -20.75 10.77
CA VAL B 130 11.58 -20.53 12.13
C VAL B 130 12.81 -20.41 13.02
N LYS B 131 13.18 -19.17 13.35
CA LYS B 131 13.94 -18.78 14.53
C LYS B 131 14.07 -19.86 15.59
N ASN B 132 15.29 -20.35 15.81
CA ASN B 132 15.67 -21.36 16.80
C ASN B 132 15.08 -22.73 16.51
N LYS B 133 14.44 -22.92 15.37
CA LYS B 133 13.82 -24.21 15.10
C LYS B 133 14.19 -24.70 13.71
N ILE B 134 14.02 -23.88 12.67
CA ILE B 134 14.38 -24.26 11.30
C ILE B 134 15.34 -23.22 10.77
N GLU B 135 16.63 -23.57 10.69
CA GLU B 135 17.65 -22.66 10.20
C GLU B 135 18.11 -23.09 8.83
N VAL B 136 18.44 -22.12 7.99
CA VAL B 136 18.98 -22.37 6.67
C VAL B 136 20.38 -21.81 6.58
N PHE B 137 21.19 -22.51 5.81
CA PHE B 137 22.59 -22.15 5.66
C PHE B 137 23.04 -22.58 4.26
N TYR B 138 23.81 -21.73 3.60
CA TYR B 138 24.39 -22.03 2.31
C TYR B 138 25.87 -22.26 2.51
N PRO B 139 26.39 -23.48 2.31
CA PRO B 139 27.81 -23.73 2.57
C PRO B 139 28.73 -23.25 1.47
N GLY B 140 28.20 -23.05 0.27
CA GLY B 140 29.03 -22.80 -0.88
C GLY B 140 28.61 -23.76 -1.98
N PRO B 141 29.02 -23.49 -3.22
CA PRO B 141 28.61 -24.36 -4.33
C PRO B 141 29.07 -25.78 -4.07
N GLY B 142 28.33 -26.73 -4.60
CA GLY B 142 28.69 -28.12 -4.42
C GLY B 142 28.01 -28.99 -5.43
N HIS B 143 27.03 -29.75 -4.96
CA HIS B 143 26.30 -30.62 -5.86
C HIS B 143 25.50 -29.81 -6.88
N THR B 144 24.96 -28.66 -6.48
CA THR B 144 24.51 -27.60 -7.38
C THR B 144 25.00 -26.27 -6.83
N PRO B 145 25.05 -25.22 -7.66
CA PRO B 145 25.48 -23.90 -7.15
C PRO B 145 24.61 -23.34 -6.02
N ASP B 146 23.36 -23.78 -5.90
CA ASP B 146 22.38 -23.13 -5.03
C ASP B 146 22.05 -23.92 -3.77
N ASN B 147 22.67 -25.08 -3.55
CA ASN B 147 22.22 -26.01 -2.51
C ASN B 147 22.38 -25.40 -1.12
N VAL B 148 21.32 -25.53 -0.30
CA VAL B 148 21.37 -25.13 1.10
C VAL B 148 21.14 -26.35 1.99
N VAL B 149 21.54 -26.21 3.25
CA VAL B 149 21.24 -27.19 4.29
C VAL B 149 20.26 -26.56 5.25
N VAL B 150 19.54 -27.40 5.98
CA VAL B 150 18.52 -26.97 6.93
C VAL B 150 18.87 -27.54 8.29
N TRP B 151 19.20 -26.68 9.22
CA TRP B 151 19.64 -27.09 10.54
C TRP B 151 18.50 -26.92 11.53
N LEU B 152 18.18 -27.98 12.26
CA LEU B 152 17.14 -27.87 13.28
C LEU B 152 17.82 -27.82 14.63
N PRO B 153 17.97 -26.64 15.24
CA PRO B 153 18.85 -26.54 16.42
C PRO B 153 18.27 -27.15 17.68
N GLU B 154 16.94 -27.18 17.84
CA GLU B 154 16.36 -27.81 19.02
C GLU B 154 16.68 -29.30 19.09
N ARG B 155 17.20 -29.87 18.01
CA ARG B 155 17.35 -31.31 17.89
C ARG B 155 18.73 -31.73 17.42
N LYS B 156 19.52 -30.81 16.89
CA LYS B 156 20.83 -31.12 16.32
C LYS B 156 20.72 -32.11 15.15
N ILE B 157 19.62 -32.06 14.41
CA ILE B 157 19.55 -32.73 13.12
C ILE B 157 19.99 -31.76 12.03
N LEU B 158 20.78 -32.25 11.08
CA LEU B 158 21.10 -31.51 9.88
C LEU B 158 20.45 -32.21 8.69
N PHE B 159 19.55 -31.51 7.99
CA PHE B 159 19.13 -31.99 6.68
C PHE B 159 20.18 -31.57 5.68
N GLY B 160 20.94 -32.53 5.15
CA GLY B 160 21.98 -32.19 4.22
C GLY B 160 21.50 -32.04 2.80
N GLY B 161 20.35 -32.65 2.48
CA GLY B 161 19.87 -32.60 1.13
C GLY B 161 20.87 -33.27 0.20
N CYS B 162 20.89 -32.81 -1.03
CA CYS B 162 21.77 -33.42 -2.02
C CYS B 162 23.19 -32.88 -1.98
N PHE B 163 23.55 -32.13 -0.93
CA PHE B 163 24.95 -31.75 -0.73
C PHE B 163 25.70 -32.87 -0.04
N ILE B 164 25.03 -33.56 0.88
CA ILE B 164 25.60 -34.71 1.58
C ILE B 164 25.61 -35.87 0.61
N LYS B 165 26.80 -36.31 0.25
CA LYS B 165 26.98 -37.42 -0.67
C LYS B 165 28.03 -38.32 -0.04
N PRO B 166 27.63 -39.24 0.84
CA PRO B 166 28.61 -39.92 1.71
C PRO B 166 29.40 -41.03 1.04
N TYR B 167 28.93 -41.57 -0.09
CA TYR B 167 29.56 -42.72 -0.71
C TYR B 167 29.76 -42.53 -2.21
N GLY B 168 29.69 -41.30 -2.68
CA GLY B 168 29.76 -40.98 -4.09
C GLY B 168 28.94 -39.72 -4.31
N LEU B 169 29.29 -39.00 -5.39
CA LEU B 169 28.80 -37.65 -5.61
C LEU B 169 27.46 -37.57 -6.35
N GLY B 170 27.04 -38.63 -7.04
CA GLY B 170 25.91 -38.53 -7.95
C GLY B 170 26.29 -37.91 -9.29
N ASN B 171 25.25 -37.37 -9.96
CA ASN B 171 25.47 -36.67 -11.25
C ASN B 171 26.10 -35.31 -10.96
N LEU B 172 27.05 -34.93 -11.81
CA LEU B 172 27.77 -33.67 -11.67
C LEU B 172 27.50 -32.76 -12.84
N GLY B 173 26.42 -33.02 -13.58
CA GLY B 173 25.99 -32.19 -14.69
C GLY B 173 25.70 -30.76 -14.27
N ASP B 174 25.45 -30.57 -12.98
CA ASP B 174 25.30 -29.25 -12.39
C ASP B 174 26.20 -29.04 -11.18
N ALA B 175 27.04 -30.00 -10.82
CA ALA B 175 27.92 -29.81 -9.67
C ALA B 175 29.10 -28.93 -10.05
N ASN B 176 29.76 -28.40 -9.00
CA ASN B 176 31.02 -27.66 -9.12
C ASN B 176 31.98 -28.28 -8.10
N ILE B 177 32.84 -29.22 -8.55
CA ILE B 177 33.62 -30.04 -7.62
C ILE B 177 34.86 -29.34 -7.07
N GLU B 178 35.15 -28.10 -7.50
CA GLU B 178 36.27 -27.35 -6.93
C GLU B 178 35.87 -26.56 -5.69
N ALA B 179 34.67 -25.98 -5.67
CA ALA B 179 34.17 -25.35 -4.46
C ALA B 179 33.64 -26.35 -3.45
N TRP B 180 33.29 -27.57 -3.91
CA TRP B 180 32.60 -28.53 -3.06
C TRP B 180 33.43 -28.92 -1.84
N PRO B 181 34.73 -29.25 -1.95
CA PRO B 181 35.49 -29.55 -0.72
C PRO B 181 35.51 -28.39 0.25
N LYS B 182 35.60 -27.16 -0.29
CA LYS B 182 35.58 -25.94 0.52
C LYS B 182 34.26 -25.81 1.26
N SER B 183 33.15 -25.88 0.51
CA SER B 183 31.82 -25.89 1.09
C SER B 183 31.64 -27.06 2.05
N ALA B 184 32.18 -28.23 1.68
CA ALA B 184 32.00 -29.43 2.50
C ALA B 184 32.81 -29.36 3.78
N LYS B 185 34.02 -28.79 3.71
CA LYS B 185 34.81 -28.57 4.92
C LYS B 185 34.15 -27.53 5.81
N LEU B 186 33.68 -26.42 5.22
CA LEU B 186 32.95 -25.41 5.99
C LEU B 186 31.72 -26.01 6.66
N LEU B 187 30.96 -26.83 5.91
CA LEU B 187 29.78 -27.46 6.49
C LEU B 187 30.13 -28.40 7.63
N LYS B 188 31.22 -29.17 7.49
CA LYS B 188 31.62 -30.10 8.55
C LYS B 188 31.97 -29.35 9.82
N SER B 189 32.64 -28.20 9.71
CA SER B 189 32.98 -27.41 10.88
C SER B 189 31.73 -26.79 11.52
N LYS B 190 30.87 -26.17 10.70
CA LYS B 190 29.69 -25.50 11.25
C LYS B 190 28.76 -26.47 11.98
N TYR B 191 28.77 -27.76 11.60
CA TYR B 191 27.77 -28.69 12.11
C TYR B 191 28.41 -29.97 12.64
N GLY B 192 29.63 -29.87 13.16
CA GLY B 192 30.29 -31.04 13.74
C GLY B 192 29.57 -31.62 14.94
N LYS B 193 28.71 -30.84 15.58
CA LYS B 193 27.87 -31.31 16.67
C LYS B 193 26.58 -31.95 16.19
N ALA B 194 26.44 -32.21 14.88
CA ALA B 194 25.19 -32.72 14.33
C ALA B 194 24.88 -34.09 14.89
N LYS B 195 23.76 -34.19 15.61
CA LYS B 195 23.30 -35.48 16.13
C LYS B 195 22.92 -36.44 14.99
N LEU B 196 22.31 -35.92 13.93
CA LEU B 196 21.82 -36.73 12.82
C LEU B 196 21.98 -35.96 11.52
N VAL B 197 22.60 -36.57 10.52
CA VAL B 197 22.66 -35.99 9.19
C VAL B 197 21.75 -36.81 8.28
N VAL B 198 20.80 -36.13 7.64
CA VAL B 198 19.88 -36.75 6.69
C VAL B 198 20.37 -36.39 5.29
N PRO B 199 20.83 -37.34 4.48
CA PRO B 199 21.09 -37.06 3.08
C PRO B 199 19.81 -37.22 2.26
N SER B 200 19.90 -36.79 1.00
CA SER B 200 18.78 -36.96 0.10
C SER B 200 18.64 -38.38 -0.42
N HIS B 201 19.76 -39.09 -0.60
CA HIS B 201 19.78 -40.38 -1.28
C HIS B 201 20.48 -41.49 -0.53
N SER B 202 21.07 -41.20 0.60
CA SER B 202 21.61 -42.20 1.49
C SER B 202 20.76 -42.16 2.73
N GLU B 203 20.91 -43.18 3.56
CA GLU B 203 20.09 -43.23 4.76
C GLU B 203 20.62 -42.24 5.81
N VAL B 204 19.77 -41.96 6.80
CA VAL B 204 20.16 -41.09 7.91
C VAL B 204 21.42 -41.63 8.58
N GLY B 205 22.33 -40.73 8.90
CA GLY B 205 23.51 -41.05 9.66
C GLY B 205 23.74 -40.05 10.78
N ASP B 206 25.00 -39.95 11.18
CA ASP B 206 25.38 -39.02 12.23
C ASP B 206 26.50 -38.15 11.68
N ALA B 207 27.15 -37.41 12.59
CA ALA B 207 28.10 -36.37 12.20
C ALA B 207 29.10 -36.83 11.13
N SER B 208 29.38 -38.13 11.07
CA SER B 208 30.44 -38.63 10.20
C SER B 208 30.11 -38.42 8.71
N LEU B 209 28.83 -38.40 8.34
CA LEU B 209 28.47 -38.19 6.94
C LEU B 209 29.05 -36.89 6.42
N LEU B 210 29.31 -35.93 7.32
CA LEU B 210 30.01 -34.71 6.95
C LEU B 210 31.43 -34.99 6.49
N LYS B 211 32.19 -35.73 7.29
CA LYS B 211 33.58 -36.04 6.95
C LYS B 211 33.66 -36.94 5.73
N LEU B 212 32.69 -37.86 5.57
CA LEU B 212 32.68 -38.72 4.39
C LEU B 212 32.31 -37.93 3.13
N THR B 213 31.42 -36.92 3.24
CA THR B 213 31.12 -36.09 2.09
C THR B 213 32.36 -35.34 1.63
N LEU B 214 33.02 -34.65 2.56
CA LEU B 214 34.26 -33.97 2.25
C LEU B 214 35.26 -34.92 1.58
N GLU B 215 35.47 -36.09 2.19
CA GLU B 215 36.31 -37.12 1.57
C GLU B 215 35.85 -37.44 0.15
N GLN B 216 34.56 -37.75 -0.01
CA GLN B 216 33.99 -37.90 -1.35
C GLN B 216 34.16 -36.64 -2.19
N ALA B 217 34.22 -35.46 -1.57
CA ALA B 217 34.36 -34.24 -2.35
C ALA B 217 35.78 -34.10 -2.91
N VAL B 218 36.80 -34.22 -2.05
CA VAL B 218 38.16 -34.08 -2.55
C VAL B 218 38.51 -35.24 -3.49
N LYS B 219 37.93 -36.42 -3.27
CA LYS B 219 38.13 -37.53 -4.21
C LYS B 219 37.72 -37.13 -5.62
N GLY B 220 36.59 -36.44 -5.74
CA GLY B 220 36.00 -36.13 -7.03
C GLY B 220 36.75 -35.05 -7.79
N LEU B 221 37.20 -34.02 -7.08
CA LEU B 221 38.05 -33.00 -7.71
C LEU B 221 39.37 -33.61 -8.17
N ASN B 222 39.88 -34.58 -7.40
CA ASN B 222 41.11 -35.29 -7.76
C ASN B 222 40.95 -36.07 -9.06
N GLU B 223 39.80 -36.73 -9.24
CA GLU B 223 39.53 -37.40 -10.52
C GLU B 223 39.33 -36.36 -11.62
N SER B 224 40.42 -35.73 -12.02
CA SER B 224 40.42 -34.72 -13.08
C SER B 224 41.86 -34.53 -13.55
N LYS B 225 42.48 -35.61 -14.05
CA LYS B 225 43.91 -35.64 -14.34
C LYS B 225 44.26 -35.98 -15.80
N LYS B 226 43.26 -36.24 -16.67
CA LYS B 226 43.39 -36.80 -18.03
C LYS B 226 44.54 -37.80 -18.12
N PRO B 227 44.34 -39.06 -17.69
CA PRO B 227 45.40 -40.09 -17.60
C PRO B 227 46.20 -40.25 -18.89
N GLY C 1 -7.28 -13.33 -6.22
CA GLY C 1 -8.21 -14.23 -6.89
C GLY C 1 -7.95 -14.72 -8.32
N PRO C 2 -6.80 -15.42 -8.58
CA PRO C 2 -6.61 -16.12 -9.86
C PRO C 2 -7.66 -17.21 -10.14
N GLY C 3 -7.19 -18.44 -10.40
CA GLY C 3 -8.04 -19.61 -10.62
C GLY C 3 -9.16 -19.45 -11.65
N VAL C 4 -8.90 -19.83 -12.90
CA VAL C 4 -9.81 -19.46 -13.99
C VAL C 4 -11.19 -20.10 -13.83
N GLY C 5 -11.25 -21.29 -13.23
CA GLY C 5 -12.51 -22.00 -13.07
C GLY C 5 -12.73 -22.66 -11.71
N GLU C 6 -13.47 -21.97 -10.83
CA GLU C 6 -13.83 -22.57 -9.55
C GLU C 6 -15.00 -23.55 -9.69
N SER C 7 -15.92 -23.25 -10.62
CA SER C 7 -17.31 -23.71 -10.69
C SER C 7 -18.18 -22.82 -9.82
N LEU C 8 -17.97 -21.49 -9.92
CA LEU C 8 -18.59 -20.42 -9.13
C LEU C 8 -20.06 -20.73 -8.85
N PRO C 9 -20.48 -20.82 -7.59
CA PRO C 9 -21.82 -21.35 -7.29
C PRO C 9 -22.95 -20.39 -7.64
N ASP C 10 -24.11 -20.97 -7.89
CA ASP C 10 -25.25 -20.21 -8.35
C ASP C 10 -25.84 -19.37 -7.22
N LEU C 11 -26.51 -18.28 -7.58
CA LEU C 11 -27.15 -17.45 -6.56
C LEU C 11 -28.16 -18.27 -5.77
N LYS C 12 -28.17 -18.07 -4.45
CA LYS C 12 -29.11 -18.73 -3.55
C LYS C 12 -30.11 -17.71 -3.03
N ILE C 13 -31.36 -18.16 -2.88
CA ILE C 13 -32.42 -17.36 -2.24
C ILE C 13 -33.17 -18.28 -1.27
N GLU C 14 -33.37 -17.81 -0.04
CA GLU C 14 -33.89 -18.62 1.04
C GLU C 14 -34.73 -17.73 1.94
N LYS C 15 -35.88 -18.26 2.38
CA LYS C 15 -36.83 -17.50 3.20
C LYS C 15 -36.32 -17.40 4.64
N LEU C 16 -36.05 -16.19 5.10
CA LEU C 16 -35.59 -16.05 6.48
C LEU C 16 -36.75 -15.80 7.44
N ASP C 17 -37.71 -14.96 7.05
CA ASP C 17 -38.94 -14.79 7.79
C ASP C 17 -40.09 -14.70 6.80
N GLU C 18 -41.10 -13.88 7.09
CA GLU C 18 -42.31 -13.87 6.26
C GLU C 18 -42.09 -13.22 4.91
N GLY C 19 -41.79 -11.92 4.91
CA GLY C 19 -41.48 -11.17 3.70
C GLY C 19 -40.03 -10.77 3.67
N VAL C 20 -39.23 -11.43 4.50
CA VAL C 20 -37.78 -11.21 4.57
C VAL C 20 -37.11 -12.42 3.94
N TYR C 21 -36.29 -12.20 2.91
CA TYR C 21 -35.53 -13.26 2.27
C TYR C 21 -34.04 -12.94 2.29
N VAL C 22 -33.22 -13.99 2.19
CA VAL C 22 -31.77 -13.86 2.15
C VAL C 22 -31.26 -14.32 0.79
N HIS C 23 -30.40 -13.51 0.17
CA HIS C 23 -29.78 -13.85 -1.10
C HIS C 23 -28.28 -13.98 -0.89
N THR C 24 -27.70 -15.04 -1.45
CA THR C 24 -26.30 -15.38 -1.25
C THR C 24 -25.62 -15.42 -2.61
N SER C 25 -24.53 -14.67 -2.76
CA SER C 25 -23.70 -14.69 -3.96
C SER C 25 -22.27 -15.02 -3.52
N PHE C 26 -21.42 -15.39 -4.48
CA PHE C 26 -20.12 -15.94 -4.11
C PHE C 26 -19.00 -15.34 -4.94
N GLU C 27 -17.95 -14.89 -4.26
CA GLU C 27 -16.73 -14.37 -4.87
C GLU C 27 -15.56 -15.28 -4.47
N GLU C 28 -14.43 -15.15 -5.17
CA GLU C 28 -13.30 -16.04 -4.95
C GLU C 28 -12.19 -15.45 -4.06
N VAL C 29 -11.48 -14.43 -4.55
CA VAL C 29 -10.39 -13.73 -3.85
C VAL C 29 -9.43 -14.76 -3.24
N ASN C 30 -8.38 -15.12 -3.98
CA ASN C 30 -7.69 -16.41 -3.84
C ASN C 30 -7.05 -16.58 -2.45
N GLY C 31 -6.75 -17.85 -2.12
CA GLY C 31 -6.32 -18.30 -0.82
C GLY C 31 -7.43 -18.91 0.01
N TRP C 32 -8.67 -18.49 -0.22
CA TRP C 32 -9.87 -18.90 0.52
C TRP C 32 -10.64 -20.01 -0.18
N GLY C 33 -10.80 -19.91 -1.50
CA GLY C 33 -11.75 -20.70 -2.25
C GLY C 33 -12.91 -19.86 -2.76
N VAL C 34 -14.04 -19.89 -2.05
CA VAL C 34 -15.26 -19.23 -2.47
C VAL C 34 -15.98 -18.74 -1.23
N VAL C 35 -16.04 -17.42 -1.04
CA VAL C 35 -16.69 -16.85 0.14
C VAL C 35 -18.10 -16.40 -0.21
N PRO C 36 -19.04 -16.42 0.74
CA PRO C 36 -20.40 -15.97 0.44
C PRO C 36 -20.60 -14.50 0.75
N LYS C 37 -21.60 -13.91 0.09
CA LYS C 37 -22.06 -12.53 0.34
C LYS C 37 -23.57 -12.52 0.55
N HIS C 38 -23.99 -12.28 1.78
CA HIS C 38 -25.41 -12.25 2.11
C HIS C 38 -25.94 -10.84 1.96
N GLY C 39 -27.16 -10.73 1.44
CA GLY C 39 -27.97 -9.54 1.55
C GLY C 39 -29.42 -9.91 1.72
N LEU C 40 -30.35 -8.95 1.72
CA LEU C 40 -31.75 -9.26 1.93
C LEU C 40 -32.58 -8.85 0.73
N VAL C 41 -33.73 -9.51 0.61
CA VAL C 41 -34.84 -9.04 -0.20
C VAL C 41 -36.04 -9.05 0.73
N VAL C 42 -36.62 -7.86 0.96
CA VAL C 42 -37.64 -7.66 1.97
C VAL C 42 -38.92 -7.20 1.27
N LEU C 43 -40.00 -7.95 1.47
CA LEU C 43 -41.25 -7.74 0.77
C LEU C 43 -42.23 -6.92 1.62
N VAL C 44 -42.81 -5.88 1.01
CA VAL C 44 -43.94 -5.14 1.58
C VAL C 44 -45.07 -5.23 0.56
N ASN C 45 -45.89 -6.29 0.67
CA ASN C 45 -46.93 -6.72 -0.28
C ASN C 45 -46.75 -6.23 -1.71
N ALA C 46 -46.36 -7.15 -2.61
CA ALA C 46 -46.13 -6.90 -4.03
C ALA C 46 -44.86 -6.09 -4.28
N GLU C 47 -44.30 -5.50 -3.21
CA GLU C 47 -43.14 -4.62 -3.33
C GLU C 47 -41.92 -5.30 -2.73
N ALA C 48 -40.90 -5.51 -3.56
CA ALA C 48 -39.66 -6.15 -3.14
C ALA C 48 -38.54 -5.12 -3.06
N TYR C 49 -37.84 -5.10 -1.93
CA TYR C 49 -36.76 -4.15 -1.68
C TYR C 49 -35.44 -4.90 -1.51
N LEU C 50 -34.52 -4.64 -2.44
CA LEU C 50 -33.16 -5.16 -2.37
C LEU C 50 -32.39 -4.51 -1.23
N ILE C 51 -31.78 -5.32 -0.40
CA ILE C 51 -30.85 -4.85 0.63
C ILE C 51 -29.47 -5.36 0.21
N ASP C 52 -28.65 -4.45 -0.33
CA ASP C 52 -27.43 -4.72 -1.09
C ASP C 52 -27.73 -5.39 -2.43
N THR C 53 -26.75 -5.45 -3.32
CA THR C 53 -26.88 -6.28 -4.52
C THR C 53 -25.92 -7.48 -4.49
N PRO C 54 -25.93 -8.34 -5.52
CA PRO C 54 -24.80 -9.24 -5.74
C PRO C 54 -23.57 -8.50 -6.24
N PHE C 55 -22.44 -9.18 -6.40
CA PHE C 55 -21.27 -8.53 -6.98
C PHE C 55 -21.52 -8.14 -8.42
N THR C 56 -22.40 -8.86 -9.11
CA THR C 56 -22.48 -8.80 -10.56
C THR C 56 -23.85 -8.31 -11.02
N ALA C 57 -23.84 -7.63 -12.18
CA ALA C 57 -25.07 -7.39 -12.91
C ALA C 57 -25.88 -8.67 -13.08
N LYS C 58 -25.25 -9.69 -13.67
CA LYS C 58 -25.92 -10.95 -13.98
C LYS C 58 -26.67 -11.53 -12.78
N ASP C 59 -26.00 -11.64 -11.63
CA ASP C 59 -26.67 -12.24 -10.47
C ASP C 59 -27.74 -11.29 -9.89
N THR C 60 -27.52 -9.98 -9.95
CA THR C 60 -28.61 -9.04 -9.64
C THR C 60 -29.85 -9.40 -10.47
N GLU C 61 -29.71 -9.40 -11.80
CA GLU C 61 -30.80 -9.75 -12.71
C GLU C 61 -31.53 -11.01 -12.26
N LYS C 62 -30.78 -12.09 -12.10
CA LYS C 62 -31.28 -13.35 -11.54
C LYS C 62 -32.10 -13.11 -10.27
N LEU C 63 -31.54 -12.34 -9.34
CA LEU C 63 -32.21 -12.04 -8.08
C LEU C 63 -33.58 -11.40 -8.28
N VAL C 64 -33.66 -10.34 -9.10
CA VAL C 64 -34.95 -9.69 -9.29
C VAL C 64 -35.83 -10.55 -10.20
N THR C 65 -35.23 -11.20 -11.20
CA THR C 65 -35.98 -12.09 -12.06
C THR C 65 -36.81 -13.07 -11.24
N TRP C 66 -36.19 -13.68 -10.22
CA TRP C 66 -36.91 -14.51 -9.28
C TRP C 66 -38.08 -13.75 -8.68
N PHE C 67 -37.78 -12.68 -7.93
CA PHE C 67 -38.80 -12.05 -7.10
C PHE C 67 -39.88 -11.32 -7.92
N VAL C 68 -39.60 -10.99 -9.19
CA VAL C 68 -40.65 -10.46 -10.04
C VAL C 68 -41.67 -11.56 -10.38
N GLU C 69 -41.18 -12.79 -10.61
CA GLU C 69 -42.01 -13.89 -11.11
C GLU C 69 -42.88 -14.53 -10.03
N ARG C 70 -42.60 -14.30 -8.76
CA ARG C 70 -43.52 -14.67 -7.70
C ARG C 70 -44.56 -13.59 -7.45
N GLY C 71 -44.64 -12.58 -8.32
CA GLY C 71 -45.73 -11.62 -8.34
C GLY C 71 -45.32 -10.20 -8.03
N TYR C 72 -44.20 -10.01 -7.35
CA TYR C 72 -43.81 -8.69 -6.90
C TYR C 72 -43.15 -7.91 -8.03
N LYS C 73 -43.11 -6.61 -7.85
CA LYS C 73 -42.26 -5.77 -8.66
C LYS C 73 -41.22 -5.15 -7.74
N ILE C 74 -40.07 -4.81 -8.32
CA ILE C 74 -38.93 -4.37 -7.53
C ILE C 74 -39.09 -2.87 -7.31
N LYS C 75 -39.59 -2.51 -6.13
CA LYS C 75 -39.86 -1.12 -5.81
C LYS C 75 -38.60 -0.34 -5.40
N GLY C 76 -37.55 -1.01 -4.94
CA GLY C 76 -36.37 -0.28 -4.55
C GLY C 76 -35.18 -1.18 -4.29
N SER C 77 -34.05 -0.54 -3.99
CA SER C 77 -32.78 -1.19 -3.69
C SER C 77 -31.92 -0.23 -2.91
N ILE C 78 -31.05 -0.76 -2.07
CA ILE C 78 -30.21 0.09 -1.22
C ILE C 78 -28.89 -0.63 -0.97
N SER C 79 -27.79 0.10 -1.10
CA SER C 79 -26.47 -0.44 -0.91
C SER C 79 -25.90 0.04 0.40
N SER C 80 -25.50 -0.90 1.27
CA SER C 80 -25.07 -0.57 2.62
C SER C 80 -23.70 0.09 2.66
N HIS C 81 -22.89 -0.07 1.62
CA HIS C 81 -21.58 0.57 1.54
C HIS C 81 -21.13 0.45 0.09
N PHE C 82 -20.03 1.14 -0.23
CA PHE C 82 -19.65 1.36 -1.62
C PHE C 82 -18.86 0.22 -2.25
N HIS C 83 -18.35 -0.73 -1.46
CA HIS C 83 -17.66 -1.88 -2.03
C HIS C 83 -18.60 -2.60 -2.98
N SER C 84 -18.04 -3.20 -4.01
CA SER C 84 -18.87 -3.72 -5.11
C SER C 84 -19.78 -4.87 -4.67
N ASP C 85 -19.45 -5.58 -3.59
CA ASP C 85 -20.30 -6.67 -3.13
C ASP C 85 -21.62 -6.20 -2.56
N SER C 86 -21.76 -4.89 -2.32
CA SER C 86 -23.04 -4.26 -2.04
C SER C 86 -23.58 -3.45 -3.20
N THR C 87 -22.70 -2.96 -4.10
CA THR C 87 -23.06 -1.97 -5.10
C THR C 87 -23.03 -2.48 -6.54
N GLY C 88 -22.61 -3.72 -6.78
CA GLY C 88 -22.33 -4.15 -8.13
C GLY C 88 -23.55 -4.23 -9.02
N GLY C 89 -24.73 -4.37 -8.43
CA GLY C 89 -25.95 -4.42 -9.19
C GLY C 89 -26.61 -3.09 -9.46
N ILE C 90 -25.96 -1.97 -9.11
CA ILE C 90 -26.60 -0.66 -9.22
C ILE C 90 -26.70 -0.24 -10.67
N GLU C 91 -25.65 -0.48 -11.45
CA GLU C 91 -25.65 -0.20 -12.88
C GLU C 91 -26.89 -0.81 -13.53
N TRP C 92 -26.91 -2.15 -13.55
CA TRP C 92 -28.04 -2.89 -14.09
C TRP C 92 -29.36 -2.40 -13.50
N LEU C 93 -29.42 -2.29 -12.16
CA LEU C 93 -30.67 -1.86 -11.51
C LEU C 93 -31.14 -0.51 -12.03
N ASN C 94 -30.21 0.38 -12.38
CA ASN C 94 -30.57 1.69 -12.93
C ASN C 94 -31.18 1.55 -14.32
N SER C 95 -30.58 0.70 -15.17
CA SER C 95 -31.00 0.61 -16.56
C SER C 95 -32.36 -0.07 -16.73
N ARG C 96 -32.90 -0.72 -15.70
CA ARG C 96 -34.28 -1.19 -15.71
C ARG C 96 -35.18 -0.29 -14.88
N SER C 97 -34.66 0.88 -14.48
CA SER C 97 -35.44 1.93 -13.83
C SER C 97 -35.97 1.50 -12.47
N ILE C 98 -35.25 0.64 -11.76
CA ILE C 98 -35.54 0.44 -10.34
C ILE C 98 -34.84 1.55 -9.55
N PRO C 99 -35.54 2.24 -8.65
CA PRO C 99 -34.87 3.22 -7.79
C PRO C 99 -33.75 2.57 -6.98
N THR C 100 -32.56 3.17 -7.05
CA THR C 100 -31.39 2.73 -6.31
C THR C 100 -31.03 3.76 -5.25
N TYR C 101 -30.78 3.28 -4.03
CA TYR C 101 -30.50 4.15 -2.90
C TYR C 101 -29.12 3.87 -2.31
N ALA C 102 -28.47 4.93 -1.82
CA ALA C 102 -27.21 4.83 -1.10
C ALA C 102 -27.06 6.10 -0.27
N SER C 103 -26.35 6.00 0.85
CA SER C 103 -26.00 7.19 1.61
C SER C 103 -25.16 8.13 0.76
N GLU C 104 -25.29 9.44 1.03
CA GLU C 104 -24.55 10.45 0.28
C GLU C 104 -23.08 10.11 0.24
N LEU C 105 -22.56 9.61 1.37
CA LEU C 105 -21.15 9.24 1.41
C LEU C 105 -20.87 8.02 0.55
N THR C 106 -21.81 7.06 0.48
CA THR C 106 -21.58 5.92 -0.41
C THR C 106 -21.43 6.39 -1.85
N ASN C 107 -22.30 7.31 -2.27
CA ASN C 107 -22.21 7.80 -3.64
C ASN C 107 -20.93 8.61 -3.88
N GLU C 108 -20.52 9.47 -2.92
CA GLU C 108 -19.25 10.16 -3.09
C GLU C 108 -18.14 9.15 -3.34
N LEU C 109 -18.10 8.06 -2.55
CA LEU C 109 -17.04 7.06 -2.68
C LEU C 109 -17.22 6.21 -3.94
N LEU C 110 -18.47 5.98 -4.36
CA LEU C 110 -18.69 5.32 -5.64
C LEU C 110 -18.17 6.18 -6.78
N LYS C 111 -18.41 7.49 -6.71
CA LYS C 111 -17.89 8.41 -7.72
C LYS C 111 -16.38 8.49 -7.68
N LYS C 112 -15.81 8.48 -6.48
CA LYS C 112 -14.38 8.60 -6.33
C LYS C 112 -13.66 7.46 -7.06
N ASP C 113 -14.24 6.25 -7.03
CA ASP C 113 -13.66 5.06 -7.66
C ASP C 113 -14.13 4.84 -9.09
N GLY C 114 -14.90 5.77 -9.66
CA GLY C 114 -15.38 5.61 -11.01
C GLY C 114 -16.62 4.75 -11.18
N LYS C 115 -17.13 4.14 -10.10
CA LYS C 115 -18.30 3.28 -10.18
C LYS C 115 -19.55 4.10 -10.53
N VAL C 116 -20.62 3.39 -10.79
CA VAL C 116 -21.92 3.99 -11.03
C VAL C 116 -22.60 4.17 -9.68
N GLN C 117 -23.20 5.34 -9.48
CA GLN C 117 -23.76 5.72 -8.20
C GLN C 117 -25.26 5.40 -8.15
N ALA C 118 -25.75 5.27 -6.92
CA ALA C 118 -27.18 5.12 -6.69
C ALA C 118 -27.89 6.41 -7.13
N THR C 119 -29.11 6.26 -7.65
CA THR C 119 -29.75 7.40 -8.31
C THR C 119 -30.37 8.35 -7.30
N ASN C 120 -30.99 7.83 -6.25
CA ASN C 120 -31.36 8.64 -5.11
C ASN C 120 -30.26 8.59 -4.08
N SER C 121 -30.38 9.41 -3.04
CA SER C 121 -29.37 9.47 -2.01
C SER C 121 -29.99 10.00 -0.71
N PHE C 122 -29.46 9.54 0.43
CA PHE C 122 -29.97 9.95 1.71
C PHE C 122 -28.81 10.37 2.61
N SER C 123 -29.08 11.31 3.52
CA SER C 123 -28.05 11.89 4.37
C SER C 123 -28.52 11.97 5.82
N GLY C 124 -27.61 11.69 6.76
CA GLY C 124 -27.92 11.78 8.17
C GLY C 124 -27.51 10.61 9.05
N VAL C 125 -28.49 10.06 9.78
CA VAL C 125 -28.21 9.11 10.83
C VAL C 125 -29.33 8.08 10.85
N ASN C 126 -30.54 8.50 10.49
CA ASN C 126 -31.71 7.63 10.52
C ASN C 126 -32.55 7.93 9.30
N TYR C 127 -32.82 6.92 8.46
CA TYR C 127 -33.61 7.18 7.27
C TYR C 127 -34.43 5.95 6.94
N TRP C 128 -35.71 6.14 6.65
CA TRP C 128 -36.59 5.04 6.27
C TRP C 128 -36.62 4.89 4.76
N LEU C 129 -36.00 3.82 4.26
CA LEU C 129 -36.23 3.46 2.86
C LEU C 129 -37.71 3.22 2.61
N VAL C 130 -38.42 2.75 3.63
CA VAL C 130 -39.87 2.54 3.62
C VAL C 130 -40.39 2.71 5.04
N LYS C 131 -41.34 3.63 5.23
CA LYS C 131 -41.76 4.04 6.56
C LYS C 131 -42.31 2.86 7.36
N ASN C 132 -41.91 2.79 8.64
CA ASN C 132 -42.30 1.75 9.59
C ASN C 132 -41.74 0.36 9.26
N LYS C 133 -41.22 0.17 8.05
CA LYS C 133 -40.84 -1.15 7.57
C LYS C 133 -39.34 -1.33 7.41
N ILE C 134 -38.65 -0.40 6.74
CA ILE C 134 -37.27 -0.56 6.33
C ILE C 134 -36.49 0.69 6.74
N GLU C 135 -35.84 0.63 7.89
CA GLU C 135 -35.02 1.74 8.35
C GLU C 135 -33.56 1.54 7.95
N VAL C 136 -32.85 2.66 7.79
CA VAL C 136 -31.43 2.64 7.47
C VAL C 136 -30.70 3.47 8.52
N PHE C 137 -29.51 3.04 8.89
CA PHE C 137 -28.93 3.55 10.13
C PHE C 137 -27.43 3.61 10.00
N TYR C 138 -26.90 4.82 10.17
CA TYR C 138 -25.46 5.02 10.12
C TYR C 138 -24.92 4.96 11.54
N PRO C 139 -24.26 3.87 11.93
CA PRO C 139 -23.69 3.77 13.28
C PRO C 139 -22.38 4.50 13.46
N GLY C 140 -21.88 5.10 12.37
CA GLY C 140 -20.56 5.69 12.36
C GLY C 140 -19.60 4.81 11.60
N PRO C 141 -18.46 5.38 11.21
CA PRO C 141 -17.52 4.63 10.36
C PRO C 141 -17.08 3.35 11.07
N GLY C 142 -16.86 2.30 10.28
CA GLY C 142 -16.29 1.08 10.82
C GLY C 142 -15.45 0.33 9.79
N HIS C 143 -16.03 -0.75 9.27
CA HIS C 143 -15.43 -1.50 8.17
C HIS C 143 -15.18 -0.61 6.95
N THR C 144 -16.05 0.38 6.70
CA THR C 144 -15.82 1.47 5.76
C THR C 144 -16.28 2.76 6.43
N PRO C 145 -15.96 3.95 5.90
CA PRO C 145 -16.50 5.17 6.52
C PRO C 145 -17.98 5.32 6.30
N ASP C 146 -18.53 4.65 5.30
CA ASP C 146 -19.91 4.87 4.88
C ASP C 146 -20.85 3.71 5.22
N ASN C 147 -20.42 2.71 6.01
CA ASN C 147 -21.31 1.55 6.19
C ASN C 147 -22.56 1.92 6.99
N VAL C 148 -23.70 1.44 6.51
CA VAL C 148 -25.00 1.62 7.16
C VAL C 148 -25.60 0.25 7.42
N VAL C 149 -26.48 0.20 8.42
CA VAL C 149 -27.21 -1.02 8.74
C VAL C 149 -28.68 -0.79 8.38
N VAL C 150 -29.38 -1.89 8.15
CA VAL C 150 -30.78 -1.85 7.73
C VAL C 150 -31.61 -2.57 8.79
N TRP C 151 -32.65 -1.89 9.30
CA TRP C 151 -33.45 -2.35 10.43
C TRP C 151 -34.88 -2.59 9.99
N LEU C 152 -35.49 -3.67 10.46
CA LEU C 152 -36.87 -4.00 10.12
C LEU C 152 -37.65 -4.18 11.41
N PRO C 153 -38.27 -3.12 11.93
CA PRO C 153 -38.83 -3.21 13.29
C PRO C 153 -40.02 -4.16 13.38
N GLU C 154 -40.70 -4.43 12.26
CA GLU C 154 -41.69 -5.50 12.24
C GLU C 154 -41.13 -6.80 12.82
N ARG C 155 -40.07 -7.33 12.21
CA ARG C 155 -39.55 -8.63 12.57
C ARG C 155 -38.33 -8.57 13.48
N LYS C 156 -37.89 -7.38 13.89
CA LYS C 156 -36.62 -7.19 14.60
C LYS C 156 -35.49 -7.97 13.92
N ILE C 157 -35.32 -7.72 12.62
CA ILE C 157 -34.22 -8.27 11.83
C ILE C 157 -33.26 -7.14 11.53
N LEU C 158 -31.96 -7.39 11.72
CA LEU C 158 -30.93 -6.37 11.47
C LEU C 158 -29.96 -6.89 10.42
N PHE C 159 -30.02 -6.35 9.21
CA PHE C 159 -28.94 -6.61 8.25
C PHE C 159 -27.72 -5.81 8.68
N GLY C 160 -26.70 -6.49 9.19
CA GLY C 160 -25.52 -5.76 9.58
C GLY C 160 -24.63 -5.35 8.43
N GLY C 161 -24.75 -6.01 7.29
CA GLY C 161 -23.81 -5.79 6.23
C GLY C 161 -22.42 -6.26 6.64
N CYS C 162 -21.42 -5.70 5.98
CA CYS C 162 -20.05 -6.00 6.35
C CYS C 162 -19.60 -5.28 7.61
N PHE C 163 -20.46 -4.44 8.20
CA PHE C 163 -20.10 -3.87 9.50
C PHE C 163 -20.07 -4.95 10.58
N ILE C 164 -20.94 -5.95 10.48
CA ILE C 164 -20.96 -7.02 11.47
C ILE C 164 -19.86 -8.01 11.13
N LYS C 165 -18.90 -8.15 12.04
CA LYS C 165 -17.84 -9.14 11.91
C LYS C 165 -17.70 -9.72 13.30
N PRO C 166 -18.28 -10.90 13.56
CA PRO C 166 -18.20 -11.50 14.90
C PRO C 166 -16.95 -12.34 15.11
N TYR C 167 -16.23 -12.70 14.04
CA TYR C 167 -15.08 -13.59 14.13
C TYR C 167 -13.76 -12.87 13.95
N GLY C 168 -13.68 -11.95 12.99
CA GLY C 168 -12.51 -11.11 12.77
C GLY C 168 -12.86 -10.02 11.78
N LEU C 169 -12.18 -8.87 11.85
CA LEU C 169 -12.69 -7.68 11.16
C LEU C 169 -12.60 -7.79 9.63
N GLY C 170 -11.72 -8.65 9.11
CA GLY C 170 -11.61 -8.83 7.68
C GLY C 170 -10.57 -7.95 6.99
N ASN C 171 -10.90 -7.44 5.81
CA ASN C 171 -9.99 -6.59 5.05
C ASN C 171 -10.08 -5.15 5.56
N LEU C 172 -8.96 -4.62 6.06
CA LEU C 172 -8.97 -3.32 6.70
C LEU C 172 -8.53 -2.20 5.77
N GLY C 173 -8.45 -2.48 4.47
CA GLY C 173 -7.92 -1.52 3.51
C GLY C 173 -8.66 -0.20 3.50
N ASP C 174 -9.98 -0.23 3.67
CA ASP C 174 -10.79 0.99 3.71
C ASP C 174 -11.35 1.26 5.10
N ALA C 175 -10.99 0.46 6.10
CA ALA C 175 -11.63 0.50 7.40
C ALA C 175 -11.15 1.69 8.21
N ASN C 176 -11.87 2.00 9.28
CA ASN C 176 -11.46 2.97 10.29
C ASN C 176 -11.46 2.25 11.64
N ILE C 177 -10.27 1.84 12.11
CA ILE C 177 -10.20 1.01 13.31
C ILE C 177 -10.35 1.80 14.59
N GLU C 178 -9.90 3.05 14.62
CA GLU C 178 -10.20 3.90 15.77
C GLU C 178 -11.71 4.04 15.97
N ALA C 179 -12.43 4.32 14.88
CA ALA C 179 -13.86 4.61 14.97
C ALA C 179 -14.70 3.37 15.26
N TRP C 180 -14.21 2.18 14.86
CA TRP C 180 -15.08 1.01 14.79
C TRP C 180 -15.60 0.52 16.15
N PRO C 181 -14.81 0.46 17.23
CA PRO C 181 -15.42 0.12 18.54
C PRO C 181 -16.57 1.02 18.95
N LYS C 182 -16.45 2.33 18.74
CA LYS C 182 -17.50 3.26 19.16
C LYS C 182 -18.77 3.08 18.34
N SER C 183 -18.63 2.97 17.01
CA SER C 183 -19.79 2.67 16.18
C SER C 183 -20.43 1.35 16.59
N ALA C 184 -19.59 0.32 16.83
CA ALA C 184 -20.09 -0.98 17.27
C ALA C 184 -20.85 -0.87 18.57
N LYS C 185 -20.26 -0.22 19.57
CA LYS C 185 -20.94 0.00 20.85
C LYS C 185 -22.24 0.76 20.67
N LEU C 186 -22.23 1.83 19.85
CA LEU C 186 -23.47 2.55 19.58
C LEU C 186 -24.50 1.66 18.89
N LEU C 187 -24.08 0.88 17.88
CA LEU C 187 -25.03 0.05 17.14
C LEU C 187 -25.59 -1.08 17.99
N LYS C 188 -24.71 -1.78 18.74
CA LYS C 188 -25.17 -2.80 19.68
C LYS C 188 -26.14 -2.22 20.70
N SER C 189 -25.83 -1.04 21.23
CA SER C 189 -26.74 -0.41 22.19
C SER C 189 -28.11 -0.15 21.57
N LYS C 190 -28.15 0.24 20.29
CA LYS C 190 -29.44 0.63 19.72
C LYS C 190 -30.28 -0.59 19.34
N TYR C 191 -29.68 -1.60 18.71
CA TYR C 191 -30.42 -2.75 18.19
C TYR C 191 -30.16 -4.03 18.99
N GLY C 192 -29.81 -3.89 20.27
CA GLY C 192 -29.69 -5.06 21.12
C GLY C 192 -30.96 -5.90 21.11
N LYS C 193 -32.12 -5.25 21.08
CA LYS C 193 -33.35 -6.04 21.09
C LYS C 193 -33.58 -6.84 19.80
N ALA C 194 -32.67 -6.79 18.82
CA ALA C 194 -32.89 -7.51 17.57
C ALA C 194 -32.98 -9.02 17.81
N LYS C 195 -33.84 -9.67 17.04
CA LYS C 195 -34.02 -11.12 17.18
C LYS C 195 -33.08 -11.91 16.27
N LEU C 196 -32.92 -11.48 15.03
CA LEU C 196 -31.94 -12.01 14.09
C LEU C 196 -31.06 -10.89 13.58
N VAL C 197 -29.75 -11.13 13.58
CA VAL C 197 -28.75 -10.24 13.02
C VAL C 197 -28.10 -10.99 11.87
N VAL C 198 -28.24 -10.49 10.66
CA VAL C 198 -27.70 -11.25 9.54
C VAL C 198 -26.55 -10.44 8.93
N PRO C 199 -25.31 -10.93 9.01
CA PRO C 199 -24.17 -10.16 8.51
C PRO C 199 -23.86 -10.50 7.06
N SER C 200 -22.95 -9.73 6.47
CA SER C 200 -22.69 -9.87 5.04
C SER C 200 -21.92 -11.13 4.74
N HIS C 201 -20.97 -11.48 5.61
CA HIS C 201 -19.98 -12.50 5.28
C HIS C 201 -19.98 -13.70 6.24
N SER C 202 -20.96 -13.80 7.12
CA SER C 202 -21.14 -14.94 7.98
C SER C 202 -22.65 -15.13 8.15
N GLU C 203 -23.05 -16.22 8.79
CA GLU C 203 -24.45 -16.65 8.80
C GLU C 203 -25.24 -16.05 9.96
N VAL C 204 -26.57 -16.17 9.86
CA VAL C 204 -27.45 -15.42 10.74
C VAL C 204 -27.22 -15.83 12.18
N GLY C 205 -27.27 -14.86 13.09
CA GLY C 205 -27.30 -15.13 14.51
C GLY C 205 -28.33 -14.24 15.19
N ASP C 206 -28.39 -14.36 16.50
CA ASP C 206 -29.16 -13.43 17.32
C ASP C 206 -28.29 -12.22 17.70
N ALA C 207 -28.76 -11.39 18.63
CA ALA C 207 -28.08 -10.13 18.95
C ALA C 207 -26.68 -10.31 19.53
N SER C 208 -26.18 -11.54 19.68
CA SER C 208 -24.85 -11.71 20.24
C SER C 208 -23.79 -11.33 19.23
N LEU C 209 -24.12 -11.38 17.94
CA LEU C 209 -23.21 -10.95 16.90
C LEU C 209 -22.82 -9.48 17.06
N LEU C 210 -23.75 -8.65 17.57
CA LEU C 210 -23.42 -7.27 17.88
C LEU C 210 -22.32 -7.17 18.92
N LYS C 211 -22.44 -7.95 20.00
CA LYS C 211 -21.42 -7.96 21.04
C LYS C 211 -20.09 -8.53 20.53
N LEU C 212 -20.16 -9.63 19.75
CA LEU C 212 -18.94 -10.18 19.15
C LEU C 212 -18.25 -9.14 18.27
N THR C 213 -19.04 -8.40 17.49
CA THR C 213 -18.46 -7.39 16.63
C THR C 213 -17.79 -6.31 17.47
N LEU C 214 -18.43 -5.91 18.57
CA LEU C 214 -17.83 -4.93 19.46
C LEU C 214 -16.46 -5.39 19.96
N GLU C 215 -16.38 -6.68 20.37
CA GLU C 215 -15.13 -7.24 20.90
C GLU C 215 -14.06 -7.37 19.82
N GLN C 216 -14.46 -7.75 18.61
CA GLN C 216 -13.50 -7.79 17.52
C GLN C 216 -13.01 -6.40 17.16
N ALA C 217 -13.93 -5.42 17.08
CA ALA C 217 -13.55 -4.04 16.75
C ALA C 217 -12.63 -3.45 17.81
N VAL C 218 -12.87 -3.79 19.07
CA VAL C 218 -11.97 -3.37 20.14
C VAL C 218 -10.61 -4.05 20.00
N LYS C 219 -10.58 -5.39 19.91
CA LYS C 219 -9.29 -6.07 19.81
C LYS C 219 -8.57 -5.69 18.53
N GLY C 220 -9.32 -5.37 17.46
CA GLY C 220 -8.68 -4.94 16.23
C GLY C 220 -7.89 -3.67 16.43
N LEU C 221 -8.48 -2.70 17.15
CA LEU C 221 -7.79 -1.46 17.43
C LEU C 221 -6.58 -1.68 18.35
N ASN C 222 -6.70 -2.62 19.29
CA ASN C 222 -5.60 -2.90 20.21
C ASN C 222 -4.38 -3.45 19.47
N GLU C 223 -4.57 -4.49 18.66
CA GLU C 223 -3.44 -5.09 17.94
C GLU C 223 -2.79 -4.08 17.00
N SER C 224 -3.57 -3.12 16.48
CA SER C 224 -3.03 -2.09 15.60
C SER C 224 -1.99 -1.22 16.30
N LYS C 225 -2.03 -1.15 17.62
CA LYS C 225 -1.09 -0.38 18.41
C LYS C 225 0.07 -1.22 18.95
N LYS C 226 0.24 -2.45 18.47
CA LYS C 226 1.24 -3.41 19.00
C LYS C 226 2.56 -3.33 18.21
N PRO C 227 3.52 -4.28 18.38
CA PRO C 227 4.66 -4.17 17.45
C PRO C 227 4.41 -4.65 16.01
N GLY D 1 -2.48 24.49 21.67
CA GLY D 1 -3.48 25.08 22.55
C GLY D 1 -4.89 24.54 22.39
N PRO D 2 -5.91 25.36 22.70
CA PRO D 2 -7.31 24.91 22.58
C PRO D 2 -7.79 24.76 21.14
N GLY D 3 -9.11 24.79 20.92
CA GLY D 3 -9.67 24.67 19.59
C GLY D 3 -11.19 24.59 19.56
N VAL D 4 -11.83 25.50 18.83
CA VAL D 4 -13.28 25.45 18.70
C VAL D 4 -13.72 24.24 17.87
N GLY D 5 -12.85 23.75 16.98
CA GLY D 5 -13.09 22.51 16.26
C GLY D 5 -12.41 21.35 16.96
N GLU D 6 -13.06 20.19 16.94
CA GLU D 6 -12.61 19.01 17.69
C GLU D 6 -11.78 18.04 16.85
N SER D 7 -12.03 17.94 15.55
CA SER D 7 -11.15 17.20 14.64
C SER D 7 -10.46 18.16 13.69
N LEU D 8 -9.75 19.16 14.24
CA LEU D 8 -9.03 20.19 13.48
C LEU D 8 -7.60 20.22 14.01
N PRO D 9 -6.59 19.90 13.20
CA PRO D 9 -5.23 19.71 13.73
C PRO D 9 -4.60 21.01 14.24
N ASP D 10 -3.46 20.83 14.93
CA ASP D 10 -2.78 21.89 15.65
C ASP D 10 -2.08 22.86 14.68
N LEU D 11 -1.66 24.01 15.22
CA LEU D 11 -0.80 24.93 14.49
C LEU D 11 0.65 24.43 14.57
N LYS D 12 1.25 24.18 13.40
CA LYS D 12 2.56 23.53 13.26
C LYS D 12 3.55 24.49 12.61
N ILE D 13 4.74 24.61 13.21
CA ILE D 13 5.68 25.70 12.91
C ILE D 13 7.06 25.09 12.68
N GLU D 14 7.38 24.76 11.42
CA GLU D 14 8.65 24.16 11.05
C GLU D 14 9.67 25.24 10.68
N LYS D 15 10.95 24.92 10.85
CA LYS D 15 12.03 25.77 10.36
C LYS D 15 12.43 25.30 8.97
N LEU D 16 12.34 26.20 7.98
CA LEU D 16 12.80 25.90 6.63
C LEU D 16 14.30 26.17 6.53
N ASP D 17 14.68 27.30 5.90
CA ASP D 17 16.07 27.71 5.82
C ASP D 17 16.42 28.52 7.07
N GLU D 18 17.43 29.38 6.98
CA GLU D 18 18.06 29.93 8.17
C GLU D 18 17.20 31.00 8.84
N GLY D 19 16.81 32.03 8.10
CA GLY D 19 15.98 33.06 8.68
C GLY D 19 14.53 32.88 8.33
N VAL D 20 14.17 31.66 7.96
CA VAL D 20 12.86 31.37 7.37
C VAL D 20 12.27 30.16 8.10
N TYR D 21 11.10 30.38 8.70
CA TYR D 21 10.28 29.31 9.25
C TYR D 21 9.05 29.17 8.36
N VAL D 22 8.34 28.06 8.55
CA VAL D 22 7.08 27.77 7.85
C VAL D 22 6.01 27.56 8.92
N HIS D 23 4.83 28.10 8.69
CA HIS D 23 3.71 27.84 9.59
C HIS D 23 2.57 27.24 8.78
N THR D 24 1.98 26.18 9.32
CA THR D 24 0.87 25.51 8.68
C THR D 24 -0.33 25.59 9.62
N SER D 25 -1.50 25.83 9.05
CA SER D 25 -2.74 25.81 9.80
C SER D 25 -3.73 24.95 9.04
N PHE D 26 -4.87 24.64 9.67
CA PHE D 26 -5.73 23.60 9.13
C PHE D 26 -7.19 24.00 9.20
N GLU D 27 -7.94 23.57 8.18
CA GLU D 27 -9.36 23.81 8.11
C GLU D 27 -10.02 22.69 7.31
N GLU D 28 -11.31 22.46 7.59
CA GLU D 28 -12.14 21.53 6.83
C GLU D 28 -12.79 22.24 5.65
N VAL D 29 -13.44 21.45 4.79
CA VAL D 29 -14.30 21.99 3.73
C VAL D 29 -15.13 20.85 3.11
N ASN D 30 -15.88 21.16 2.04
CA ASN D 30 -16.79 20.25 1.36
C ASN D 30 -16.22 18.87 1.09
N GLY D 31 -16.76 17.85 1.77
CA GLY D 31 -16.29 16.48 1.55
C GLY D 31 -14.92 16.25 2.19
N TRP D 32 -14.18 15.32 1.59
CA TRP D 32 -12.86 14.83 2.04
C TRP D 32 -12.54 15.06 3.51
N GLY D 33 -11.92 16.21 3.85
CA GLY D 33 -11.49 16.46 5.21
C GLY D 33 -10.78 17.77 5.47
N VAL D 34 -9.71 17.75 6.30
CA VAL D 34 -8.98 18.96 6.67
C VAL D 34 -7.80 19.10 5.72
N VAL D 35 -7.55 20.35 5.32
CA VAL D 35 -6.56 20.68 4.31
C VAL D 35 -5.49 21.56 4.96
N PRO D 36 -4.24 21.49 4.52
CA PRO D 36 -3.22 22.39 5.06
C PRO D 36 -3.16 23.72 4.33
N LYS D 37 -2.64 24.72 5.03
CA LYS D 37 -2.43 26.05 4.48
C LYS D 37 -1.11 26.57 5.04
N HIS D 38 -0.13 26.73 4.16
CA HIS D 38 1.20 27.14 4.57
C HIS D 38 1.36 28.66 4.50
N GLY D 39 2.14 29.19 5.43
CA GLY D 39 2.70 30.52 5.33
C GLY D 39 4.12 30.47 5.82
N LEU D 40 4.78 31.62 5.82
CA LEU D 40 6.14 31.74 6.32
C LEU D 40 6.18 32.72 7.48
N VAL D 41 7.29 32.68 8.20
CA VAL D 41 7.67 33.73 9.12
C VAL D 41 9.13 34.00 8.85
N VAL D 42 9.44 35.17 8.33
CA VAL D 42 10.83 35.52 8.08
C VAL D 42 11.32 36.41 9.21
N LEU D 43 12.55 36.17 9.64
CA LEU D 43 13.22 37.00 10.64
C LEU D 43 14.37 37.73 9.97
N VAL D 44 14.29 39.03 9.93
CA VAL D 44 15.45 39.87 9.66
C VAL D 44 15.47 40.90 10.78
N ASN D 45 16.68 41.28 11.20
CA ASN D 45 16.90 42.24 12.28
C ASN D 45 16.58 41.57 13.62
N ALA D 46 16.17 40.30 13.62
CA ALA D 46 15.56 39.57 14.73
C ALA D 46 14.14 40.07 15.00
N GLU D 47 13.59 40.91 14.13
CA GLU D 47 12.15 41.08 14.04
C GLU D 47 11.58 39.98 13.14
N ALA D 48 10.25 39.87 13.15
CA ALA D 48 9.56 38.79 12.46
C ALA D 48 8.53 39.36 11.50
N TYR D 49 8.24 38.59 10.44
CA TYR D 49 7.35 39.02 9.36
C TYR D 49 6.42 37.86 9.01
N LEU D 50 5.12 38.11 9.07
CA LEU D 50 4.12 37.10 8.74
C LEU D 50 3.91 37.10 7.24
N ILE D 51 4.48 36.13 6.55
CA ILE D 51 4.11 35.88 5.16
C ILE D 51 2.81 35.07 5.19
N ASP D 52 1.70 35.73 4.83
CA ASP D 52 0.35 35.18 4.93
C ASP D 52 -0.05 34.97 6.38
N THR D 53 -1.33 35.04 6.65
CA THR D 53 -1.75 34.72 8.01
C THR D 53 -2.26 33.30 8.05
N PRO D 54 -2.36 32.72 9.25
CA PRO D 54 -3.15 31.49 9.40
C PRO D 54 -4.62 31.68 9.03
N PHE D 55 -5.39 30.63 9.20
CA PHE D 55 -6.81 30.70 8.84
C PHE D 55 -7.57 31.65 9.75
N THR D 56 -7.27 31.62 11.06
CA THR D 56 -8.13 32.24 12.06
C THR D 56 -7.36 33.20 12.93
N ALA D 57 -8.13 34.06 13.63
CA ALA D 57 -7.56 34.89 14.68
C ALA D 57 -6.88 34.03 15.75
N LYS D 58 -7.53 32.94 16.14
CA LYS D 58 -6.98 32.08 17.19
C LYS D 58 -5.55 31.65 16.88
N ASP D 59 -5.32 31.19 15.64
CA ASP D 59 -4.00 30.70 15.25
C ASP D 59 -3.01 31.83 14.97
N THR D 60 -3.49 32.96 14.43
CA THR D 60 -2.61 34.11 14.19
C THR D 60 -2.08 34.68 15.49
N GLU D 61 -2.95 34.84 16.48
CA GLU D 61 -2.50 35.13 17.84
C GLU D 61 -1.49 34.08 18.32
N LYS D 62 -1.78 32.80 18.06
CA LYS D 62 -0.90 31.70 18.50
C LYS D 62 0.48 31.78 17.85
N LEU D 63 0.52 32.16 16.56
CA LEU D 63 1.77 32.19 15.83
C LEU D 63 2.63 33.40 16.19
N VAL D 64 2.02 34.55 16.45
CA VAL D 64 2.86 35.70 16.80
C VAL D 64 3.36 35.56 18.23
N THR D 65 2.55 34.97 19.13
CA THR D 65 3.04 34.72 20.48
C THR D 65 4.32 33.89 20.44
N TRP D 66 4.36 32.88 19.56
CA TRP D 66 5.55 32.05 19.41
C TRP D 66 6.79 32.89 19.15
N PHE D 67 6.68 33.87 18.25
CA PHE D 67 7.87 34.58 17.83
C PHE D 67 8.18 35.75 18.76
N VAL D 68 7.16 36.32 19.40
CA VAL D 68 7.45 37.31 20.43
C VAL D 68 7.89 36.64 21.73
N GLU D 69 7.67 35.32 21.85
CA GLU D 69 8.16 34.55 22.99
C GLU D 69 9.68 34.42 22.97
N ARG D 70 10.35 34.73 21.85
CA ARG D 70 11.80 34.75 21.77
C ARG D 70 12.32 36.10 21.27
N GLY D 71 11.66 37.19 21.63
CA GLY D 71 12.15 38.51 21.31
C GLY D 71 12.09 38.91 19.85
N TYR D 72 11.58 38.04 18.97
CA TYR D 72 11.34 38.44 17.59
C TYR D 72 10.06 39.26 17.53
N LYS D 73 10.18 40.53 17.15
CA LYS D 73 9.05 41.45 17.13
C LYS D 73 8.37 41.43 15.77
N ILE D 74 7.05 41.20 15.76
CA ILE D 74 6.29 41.10 14.52
C ILE D 74 6.27 42.44 13.81
N LYS D 75 7.20 42.65 12.88
CA LYS D 75 7.20 43.94 12.20
C LYS D 75 6.00 44.08 11.27
N GLY D 76 5.43 42.98 10.80
CA GLY D 76 4.17 43.05 10.08
C GLY D 76 3.87 41.81 9.27
N SER D 77 2.61 41.74 8.84
CA SER D 77 2.09 40.67 8.00
C SER D 77 1.84 41.17 6.58
N ILE D 78 1.82 40.24 5.63
CA ILE D 78 1.54 40.58 4.24
C ILE D 78 0.78 39.43 3.58
N SER D 79 -0.43 39.69 3.09
CA SER D 79 -1.27 38.66 2.51
C SER D 79 -1.03 38.54 1.01
N SER D 80 -0.85 37.29 0.55
CA SER D 80 -0.54 37.01 -0.86
C SER D 80 -1.75 37.17 -1.78
N HIS D 81 -2.95 37.04 -1.26
CA HIS D 81 -4.19 37.30 -2.00
C HIS D 81 -5.30 37.42 -0.96
N PHE D 82 -6.54 37.56 -1.42
CA PHE D 82 -7.58 38.06 -0.54
C PHE D 82 -8.40 36.98 0.15
N HIS D 83 -8.30 35.73 -0.30
CA HIS D 83 -9.03 34.64 0.33
C HIS D 83 -8.67 34.53 1.81
N SER D 84 -9.62 34.00 2.59
CA SER D 84 -9.43 33.93 4.02
C SER D 84 -8.22 33.07 4.42
N ASP D 85 -7.82 32.12 3.57
CA ASP D 85 -6.66 31.32 3.96
C ASP D 85 -5.36 32.10 3.88
N SER D 86 -5.43 33.39 3.56
CA SER D 86 -4.29 34.30 3.52
C SER D 86 -4.48 35.55 4.36
N THR D 87 -5.72 35.91 4.71
CA THR D 87 -6.06 37.18 5.34
C THR D 87 -6.79 37.03 6.66
N GLY D 88 -6.89 35.79 7.19
CA GLY D 88 -7.71 35.58 8.38
C GLY D 88 -7.20 36.36 9.58
N GLY D 89 -5.89 36.45 9.74
CA GLY D 89 -5.36 37.13 10.89
C GLY D 89 -5.34 38.64 10.82
N ILE D 90 -5.89 39.25 9.76
CA ILE D 90 -5.69 40.69 9.55
C ILE D 90 -6.52 41.50 10.55
N GLU D 91 -7.80 41.13 10.72
CA GLU D 91 -8.62 41.84 11.70
C GLU D 91 -8.02 41.74 13.10
N TRP D 92 -7.53 40.57 13.48
CA TRP D 92 -6.90 40.45 14.79
C TRP D 92 -5.62 41.28 14.85
N LEU D 93 -4.88 41.36 13.73
CA LEU D 93 -3.60 42.07 13.75
C LEU D 93 -3.79 43.57 13.73
N ASN D 94 -4.85 44.03 13.05
CA ASN D 94 -5.24 45.44 13.14
C ASN D 94 -5.62 45.79 14.58
N SER D 95 -6.42 44.93 15.22
CA SER D 95 -6.75 45.14 16.63
C SER D 95 -5.48 45.27 17.47
N ARG D 96 -4.43 44.54 17.11
CA ARG D 96 -3.18 44.56 17.87
C ARG D 96 -2.20 45.64 17.40
N SER D 97 -2.60 46.48 16.44
CA SER D 97 -1.79 47.58 15.96
C SER D 97 -0.46 47.09 15.37
N ILE D 98 -0.57 46.15 14.43
CA ILE D 98 0.57 45.53 13.78
C ILE D 98 0.40 45.77 12.28
N PRO D 99 1.41 46.29 11.58
CA PRO D 99 1.23 46.61 10.15
C PRO D 99 0.85 45.38 9.33
N THR D 100 -0.29 45.47 8.65
CA THR D 100 -0.76 44.42 7.75
C THR D 100 -0.77 44.97 6.33
N TYR D 101 -0.06 44.30 5.44
CA TYR D 101 0.06 44.72 4.05
C TYR D 101 -0.75 43.81 3.12
N ALA D 102 -1.23 44.40 2.04
CA ALA D 102 -1.74 43.64 0.91
C ALA D 102 -1.57 44.50 -0.33
N SER D 103 -1.85 43.92 -1.49
CA SER D 103 -1.86 44.72 -2.71
C SER D 103 -3.15 45.52 -2.76
N GLU D 104 -3.10 46.68 -3.45
CA GLU D 104 -4.32 47.47 -3.59
C GLU D 104 -5.44 46.61 -4.14
N LEU D 105 -5.11 45.73 -5.09
CA LEU D 105 -6.14 44.88 -5.67
C LEU D 105 -6.58 43.80 -4.67
N THR D 106 -5.62 43.24 -3.90
CA THR D 106 -6.01 42.38 -2.76
C THR D 106 -6.96 43.13 -1.83
N ASN D 107 -6.61 44.36 -1.49
CA ASN D 107 -7.43 45.15 -0.57
C ASN D 107 -8.76 45.51 -1.20
N GLU D 108 -8.81 45.58 -2.52
CA GLU D 108 -10.04 45.93 -3.19
C GLU D 108 -11.02 44.76 -3.24
N LEU D 109 -10.51 43.54 -3.53
CA LEU D 109 -11.38 42.35 -3.45
C LEU D 109 -11.78 42.05 -2.02
N LEU D 110 -10.93 42.38 -1.05
CA LEU D 110 -11.35 42.26 0.33
C LEU D 110 -12.57 43.13 0.65
N LYS D 111 -12.72 44.27 -0.04
CA LYS D 111 -13.77 45.24 0.30
C LYS D 111 -15.13 44.88 -0.31
N LYS D 112 -15.15 44.44 -1.58
CA LYS D 112 -16.39 43.92 -2.15
C LYS D 112 -16.95 42.79 -1.29
N ASP D 113 -16.08 42.00 -0.65
CA ASP D 113 -16.49 40.80 0.07
C ASP D 113 -16.79 41.06 1.55
N GLY D 114 -16.88 42.33 1.96
CA GLY D 114 -17.25 42.62 3.34
C GLY D 114 -16.22 42.20 4.38
N LYS D 115 -14.94 42.26 4.03
CA LYS D 115 -13.86 41.85 4.91
C LYS D 115 -12.99 43.05 5.29
N VAL D 116 -12.33 42.92 6.44
CA VAL D 116 -11.39 43.94 6.90
C VAL D 116 -10.21 44.01 5.95
N GLN D 117 -9.74 45.23 5.66
CA GLN D 117 -8.64 45.53 4.74
C GLN D 117 -7.31 45.48 5.50
N ALA D 118 -6.22 45.27 4.75
CA ALA D 118 -4.89 45.53 5.29
C ALA D 118 -4.64 47.05 5.31
N THR D 119 -4.04 47.54 6.40
CA THR D 119 -3.82 48.98 6.57
C THR D 119 -2.62 49.50 5.76
N ASN D 120 -2.06 48.68 4.88
CA ASN D 120 -0.97 49.10 4.01
C ASN D 120 -1.26 48.53 2.62
N SER D 121 -1.32 49.40 1.62
CA SER D 121 -1.50 49.01 0.23
C SER D 121 -0.15 49.13 -0.48
N PHE D 122 0.00 48.35 -1.56
CA PHE D 122 1.05 48.63 -2.53
C PHE D 122 0.53 48.32 -3.93
N SER D 123 0.59 49.32 -4.81
CA SER D 123 0.27 49.14 -6.21
C SER D 123 1.53 48.69 -6.94
N GLY D 124 1.43 48.54 -8.24
CA GLY D 124 2.59 48.14 -9.00
C GLY D 124 2.87 46.66 -8.82
N VAL D 125 4.03 46.26 -9.35
CA VAL D 125 4.35 44.85 -9.49
C VAL D 125 5.67 44.49 -8.84
N ASN D 126 6.33 45.43 -8.15
CA ASN D 126 7.65 45.14 -7.59
C ASN D 126 7.82 45.93 -6.29
N TYR D 127 7.06 45.53 -5.28
CA TYR D 127 7.17 46.04 -3.92
C TYR D 127 8.25 45.26 -3.17
N TRP D 128 8.96 45.95 -2.28
CA TRP D 128 9.92 45.31 -1.39
C TRP D 128 9.58 45.69 0.06
N LEU D 129 9.41 44.68 0.92
CA LEU D 129 9.07 44.92 2.32
C LEU D 129 10.32 45.33 3.11
N VAL D 130 11.28 44.42 3.23
CA VAL D 130 12.62 44.75 3.72
C VAL D 130 13.56 44.69 2.52
N LYS D 131 14.02 45.86 2.07
CA LYS D 131 14.91 46.01 0.92
C LYS D 131 15.90 44.85 0.78
N ASN D 132 15.97 44.26 -0.41
CA ASN D 132 16.84 43.12 -0.71
C ASN D 132 16.54 41.87 0.14
N LYS D 133 15.47 41.85 0.92
CA LYS D 133 15.17 40.68 1.74
C LYS D 133 13.78 40.09 1.50
N ILE D 134 12.74 40.93 1.45
CA ILE D 134 11.37 40.45 1.27
C ILE D 134 10.76 41.16 0.06
N GLU D 135 11.05 40.70 -1.15
CA GLU D 135 10.45 41.29 -2.35
C GLU D 135 9.09 40.66 -2.64
N VAL D 136 8.21 41.44 -3.25
CA VAL D 136 6.85 41.01 -3.55
C VAL D 136 6.61 41.23 -5.04
N PHE D 137 6.24 40.17 -5.74
CA PHE D 137 6.15 40.21 -7.20
C PHE D 137 4.73 39.88 -7.63
N TYR D 138 4.27 40.55 -8.68
CA TYR D 138 2.94 40.28 -9.20
C TYR D 138 3.03 39.65 -10.59
N PRO D 139 2.90 38.32 -10.70
CA PRO D 139 2.99 37.66 -12.01
C PRO D 139 1.80 37.94 -12.92
N GLY D 140 0.68 38.43 -12.38
CA GLY D 140 -0.53 38.60 -13.15
C GLY D 140 -1.62 37.66 -12.69
N PRO D 141 -2.85 37.83 -13.18
CA PRO D 141 -3.97 37.00 -12.71
C PRO D 141 -3.67 35.52 -12.88
N GLY D 142 -3.98 34.75 -11.85
CA GLY D 142 -4.00 33.30 -11.97
C GLY D 142 -5.09 32.72 -11.11
N HIS D 143 -4.70 32.25 -9.94
CA HIS D 143 -5.64 31.65 -9.00
C HIS D 143 -6.70 32.66 -8.55
N THR D 144 -6.30 33.91 -8.34
CA THR D 144 -7.13 35.07 -8.06
C THR D 144 -6.49 36.26 -8.78
N PRO D 145 -7.31 37.21 -9.24
CA PRO D 145 -6.74 38.37 -9.96
C PRO D 145 -5.58 39.05 -9.26
N ASP D 146 -5.51 38.99 -7.93
CA ASP D 146 -4.55 39.75 -7.14
C ASP D 146 -3.39 38.93 -6.56
N ASN D 147 -3.28 37.64 -6.86
CA ASN D 147 -2.31 36.82 -6.14
C ASN D 147 -0.88 37.34 -6.34
N VAL D 148 -0.11 37.35 -5.25
CA VAL D 148 1.28 37.79 -5.29
C VAL D 148 2.16 36.73 -4.62
N VAL D 149 3.39 36.64 -5.10
CA VAL D 149 4.37 35.71 -4.53
C VAL D 149 5.46 36.51 -3.84
N VAL D 150 6.01 35.95 -2.77
CA VAL D 150 6.99 36.65 -1.96
C VAL D 150 8.35 35.97 -2.14
N TRP D 151 9.41 36.76 -2.20
CA TRP D 151 10.71 36.28 -2.64
C TRP D 151 11.78 36.61 -1.61
N LEU D 152 12.49 35.59 -1.13
CA LEU D 152 13.54 35.82 -0.13
C LEU D 152 14.90 35.57 -0.76
N PRO D 153 15.72 36.60 -0.98
CA PRO D 153 17.00 36.41 -1.67
C PRO D 153 18.16 35.86 -0.83
N GLU D 154 18.32 36.28 0.44
CA GLU D 154 19.47 35.83 1.23
C GLU D 154 19.55 34.30 1.26
N ARG D 155 18.41 33.62 1.08
CA ARG D 155 18.36 32.18 1.04
C ARG D 155 17.64 31.63 -0.20
N LYS D 156 17.22 32.49 -1.13
CA LYS D 156 16.75 32.09 -2.45
C LYS D 156 15.50 31.20 -2.40
N ILE D 157 14.55 31.56 -1.53
CA ILE D 157 13.28 30.85 -1.40
C ILE D 157 12.19 31.67 -2.05
N LEU D 158 11.40 31.03 -2.92
CA LEU D 158 10.17 31.64 -3.42
C LEU D 158 8.98 31.09 -2.63
N PHE D 159 8.06 31.98 -2.25
CA PHE D 159 6.79 31.58 -1.65
C PHE D 159 5.71 31.73 -2.71
N GLY D 160 5.14 30.61 -3.13
CA GLY D 160 4.18 30.65 -4.22
C GLY D 160 2.80 31.13 -3.82
N GLY D 161 2.42 30.97 -2.55
CA GLY D 161 1.03 31.30 -2.28
C GLY D 161 0.09 30.31 -2.96
N CYS D 162 -1.19 30.67 -2.99
CA CYS D 162 -2.14 29.78 -3.66
C CYS D 162 -1.97 29.81 -5.17
N PHE D 163 -0.97 30.54 -5.67
CA PHE D 163 -0.76 30.60 -7.11
C PHE D 163 -0.18 29.29 -7.64
N ILE D 164 0.92 28.81 -7.04
CA ILE D 164 1.56 27.54 -7.44
C ILE D 164 0.60 26.39 -7.08
N LYS D 165 0.00 25.79 -8.10
CA LYS D 165 -0.85 24.62 -7.88
C LYS D 165 -0.32 23.54 -8.83
N PRO D 166 0.57 22.68 -8.35
CA PRO D 166 1.41 21.88 -9.24
C PRO D 166 0.83 20.55 -9.67
N TYR D 167 -0.33 20.16 -9.14
CA TYR D 167 -1.03 18.93 -9.51
C TYR D 167 -2.40 19.19 -10.13
N GLY D 168 -3.05 20.28 -9.75
CA GLY D 168 -4.33 20.67 -10.31
C GLY D 168 -4.65 22.05 -9.81
N LEU D 169 -5.51 22.74 -10.56
CA LEU D 169 -5.72 24.17 -10.38
C LEU D 169 -6.73 24.51 -9.28
N GLY D 170 -7.26 23.52 -8.58
CA GLY D 170 -8.03 23.75 -7.38
C GLY D 170 -9.29 24.56 -7.59
N ASN D 171 -9.63 25.36 -6.57
CA ASN D 171 -10.83 26.18 -6.58
C ASN D 171 -10.81 27.16 -7.75
N LEU D 172 -11.34 26.75 -8.90
CA LEU D 172 -11.28 27.58 -10.09
C LEU D 172 -12.28 28.73 -10.08
N GLY D 173 -13.04 28.91 -9.00
CA GLY D 173 -14.12 29.88 -8.96
C GLY D 173 -13.72 31.31 -9.24
N ASP D 174 -12.95 31.91 -8.33
CA ASP D 174 -12.41 33.26 -8.50
C ASP D 174 -11.18 33.30 -9.43
N ALA D 175 -10.89 32.25 -10.19
CA ALA D 175 -9.64 32.16 -10.95
C ALA D 175 -9.84 32.63 -12.38
N ASN D 176 -8.74 32.66 -13.14
CA ASN D 176 -8.69 33.25 -14.49
C ASN D 176 -7.85 32.34 -15.39
N ILE D 177 -8.52 31.55 -16.23
CA ILE D 177 -7.80 30.49 -16.94
C ILE D 177 -6.98 31.02 -18.11
N GLU D 178 -7.37 32.16 -18.70
CA GLU D 178 -6.64 32.67 -19.87
C GLU D 178 -5.33 33.32 -19.48
N ALA D 179 -5.31 33.96 -18.31
CA ALA D 179 -4.11 34.65 -17.83
C ALA D 179 -3.07 33.67 -17.26
N TRP D 180 -3.53 32.65 -16.54
CA TRP D 180 -2.64 31.77 -15.77
C TRP D 180 -1.43 31.27 -16.55
N PRO D 181 -1.57 30.72 -17.78
CA PRO D 181 -0.36 30.24 -18.46
C PRO D 181 0.66 31.33 -18.73
N LYS D 182 0.20 32.58 -18.91
CA LYS D 182 1.13 33.68 -19.17
C LYS D 182 1.75 34.21 -17.88
N SER D 183 0.98 34.22 -16.79
CA SER D 183 1.51 34.65 -15.50
C SER D 183 2.44 33.59 -14.92
N ALA D 184 2.03 32.31 -15.00
CA ALA D 184 2.85 31.22 -14.50
C ALA D 184 4.15 31.09 -15.30
N LYS D 185 4.14 31.53 -16.56
CA LYS D 185 5.37 31.56 -17.34
C LYS D 185 6.29 32.68 -16.87
N LEU D 186 5.77 33.90 -16.75
CA LEU D 186 6.58 35.00 -16.25
C LEU D 186 7.21 34.61 -14.91
N LEU D 187 6.41 34.02 -14.02
CA LEU D 187 6.91 33.58 -12.73
C LEU D 187 8.01 32.54 -12.88
N LYS D 188 7.84 31.60 -13.82
CA LYS D 188 8.92 30.65 -14.10
C LYS D 188 10.15 31.38 -14.62
N SER D 189 9.96 32.28 -15.59
CA SER D 189 11.06 32.98 -16.23
C SER D 189 11.88 33.81 -15.24
N LYS D 190 11.22 34.45 -14.26
CA LYS D 190 11.87 35.37 -13.34
C LYS D 190 12.50 34.68 -12.14
N TYR D 191 11.97 33.52 -11.72
CA TYR D 191 12.43 32.83 -10.52
C TYR D 191 12.84 31.38 -10.82
N GLY D 192 13.41 31.16 -12.01
CA GLY D 192 13.88 29.83 -12.36
C GLY D 192 15.00 29.32 -11.49
N LYS D 193 15.78 30.21 -10.87
CA LYS D 193 16.91 29.81 -10.04
C LYS D 193 16.52 29.53 -8.59
N ALA D 194 15.23 29.58 -8.25
CA ALA D 194 14.78 29.54 -6.86
C ALA D 194 15.01 28.17 -6.25
N LYS D 195 15.70 28.13 -5.10
CA LYS D 195 16.01 26.84 -4.50
C LYS D 195 14.74 26.16 -3.96
N LEU D 196 14.01 26.83 -3.10
CA LEU D 196 12.75 26.27 -2.62
C LEU D 196 11.57 27.00 -3.25
N VAL D 197 10.44 26.30 -3.31
CA VAL D 197 9.16 26.90 -3.65
C VAL D 197 8.16 26.35 -2.65
N VAL D 198 7.63 27.22 -1.79
CA VAL D 198 6.66 26.81 -0.78
C VAL D 198 5.28 27.14 -1.31
N PRO D 199 4.46 26.16 -1.68
CA PRO D 199 3.09 26.46 -2.08
C PRO D 199 2.16 26.60 -0.88
N SER D 200 0.98 27.14 -1.15
CA SER D 200 0.00 27.31 -0.09
C SER D 200 -0.53 25.97 0.40
N HIS D 201 -0.97 25.12 -0.54
CA HIS D 201 -1.71 23.91 -0.19
C HIS D 201 -0.95 22.62 -0.49
N SER D 202 -0.21 22.57 -1.59
CA SER D 202 0.81 21.57 -1.82
C SER D 202 1.91 21.72 -0.75
N GLU D 203 2.91 20.84 -0.84
CA GLU D 203 4.03 20.77 0.10
C GLU D 203 5.26 21.43 -0.53
N VAL D 204 6.28 21.70 0.31
CA VAL D 204 7.47 22.40 -0.15
C VAL D 204 8.16 21.62 -1.25
N GLY D 205 8.70 22.34 -2.24
CA GLY D 205 9.36 21.75 -3.39
C GLY D 205 10.53 22.57 -3.94
N ASP D 206 10.92 22.30 -5.19
CA ASP D 206 12.02 23.02 -5.83
C ASP D 206 11.49 23.73 -7.07
N ALA D 207 12.41 24.19 -7.91
CA ALA D 207 12.00 25.00 -9.04
C ALA D 207 11.08 24.24 -9.98
N SER D 208 11.04 22.90 -9.87
CA SER D 208 10.18 22.09 -10.72
C SER D 208 8.71 22.45 -10.54
N LEU D 209 8.32 22.95 -9.37
CA LEU D 209 6.94 23.40 -9.16
C LEU D 209 6.56 24.58 -10.06
N LEU D 210 7.55 25.31 -10.62
CA LEU D 210 7.24 26.33 -11.60
C LEU D 210 6.93 25.74 -12.98
N LYS D 211 7.71 24.73 -13.42
CA LYS D 211 7.31 23.96 -14.61
C LYS D 211 5.96 23.29 -14.41
N LEU D 212 5.75 22.69 -13.23
CA LEU D 212 4.51 21.94 -13.01
C LEU D 212 3.30 22.86 -12.93
N THR D 213 3.42 23.99 -12.20
CA THR D 213 2.34 24.96 -12.16
C THR D 213 2.07 25.56 -13.54
N LEU D 214 3.13 25.74 -14.34
CA LEU D 214 2.95 26.18 -15.72
C LEU D 214 2.10 25.19 -16.51
N GLU D 215 2.31 23.88 -16.31
CA GLU D 215 1.55 22.86 -17.03
C GLU D 215 0.06 22.92 -16.67
N GLN D 216 -0.25 22.88 -15.37
CA GLN D 216 -1.65 22.94 -14.95
C GLN D 216 -2.35 24.17 -15.52
N ALA D 217 -1.63 25.30 -15.53
CA ALA D 217 -2.16 26.52 -16.14
C ALA D 217 -2.60 26.28 -17.59
N VAL D 218 -1.69 25.72 -18.40
CA VAL D 218 -2.03 25.50 -19.80
C VAL D 218 -3.01 24.33 -19.95
N LYS D 219 -2.77 23.23 -19.22
CA LYS D 219 -3.64 22.06 -19.35
C LYS D 219 -5.09 22.38 -19.03
N GLY D 220 -5.32 23.15 -17.96
CA GLY D 220 -6.68 23.55 -17.64
C GLY D 220 -7.28 24.56 -18.58
N LEU D 221 -6.48 25.17 -19.46
CA LEU D 221 -6.98 26.15 -20.41
C LEU D 221 -7.66 25.51 -21.61
N ASN D 222 -7.34 24.25 -21.92
CA ASN D 222 -8.03 23.57 -23.01
C ASN D 222 -9.34 22.94 -22.57
N GLU D 223 -9.38 22.36 -21.37
CA GLU D 223 -10.64 21.81 -20.87
C GLU D 223 -11.70 22.90 -20.72
N SER D 224 -11.27 24.15 -20.51
CA SER D 224 -12.20 25.28 -20.54
C SER D 224 -12.89 25.41 -21.89
N LYS D 225 -12.42 24.68 -22.91
CA LYS D 225 -13.05 24.64 -24.22
C LYS D 225 -13.58 23.24 -24.50
N LYS D 226 -14.50 22.75 -23.65
CA LYS D 226 -15.04 21.38 -23.70
C LYS D 226 -16.48 21.36 -23.18
N PRO D 227 -17.48 21.02 -24.03
CA PRO D 227 -18.90 20.94 -23.63
C PRO D 227 -19.15 20.00 -22.44
#